data_6ZGR
#
_entry.id   6ZGR
#
_cell.length_a   103.553
_cell.length_b   199.572
_cell.length_c   62.468
_cell.angle_alpha   90.000
_cell.angle_beta   90.000
_cell.angle_gamma   90.000
#
_symmetry.space_group_name_H-M   'P 21 21 2'
#
loop_
_entity.id
_entity.type
_entity.pdbx_description
1 polymer 'L-lactate transporter'
2 non-polymer '1-hydroxynaphthalene-2-carboxylic acid'
3 water water
#
_entity_poly.entity_id   1
_entity_poly.type   'polypeptide(L)'
_entity_poly.pdbx_seq_one_letter_code
;MADQQTTMPRWVPLLLGLLGSTTCGMLLYAWSVFIKPLNAEFGWSRAEIAMAFAICCLIFGLMTFPAGRLSDKMGPRKVV
MTGGVLLAIGFILSGFIQSKYQLYITYGVIAGFGGGMIYLPPIATAPKWWPDRRALATGFAVVGLGLGSFLMGPLATYII
EKPGMGWRYVFWYCGVAMGIMALIAGAFLEPPPAGWKPAGYTPPAPPAGAAAPKVTRDWTYEEAKGDTKFWLLYLAYFCG
SFAGLMVIGHLAGFGRDAGLTAMAAAGAVSSLAFSNAATRILSGWFVDKIGIRVYFAALFALQTAAMIAIFQLGGSVVGL
SIVAIVIGWNYGAMFTLFPATCLQFYGPTAQGSNYGLLFTACGLAGFAGPWVGGWLKDTTGTYYLPFLCAAALCALGTAI
VFMTKPPEKKHALELEVLFQ
;
_entity_poly.pdbx_strand_id   A,B
#
# COMPACT_ATOMS: atom_id res chain seq x y z
N THR A 7 35.52 33.14 7.02
CA THR A 7 34.64 32.01 6.75
C THR A 7 35.06 31.30 5.46
N MET A 8 34.11 30.57 4.87
CA MET A 8 34.37 29.82 3.65
C MET A 8 33.24 30.04 2.66
N PRO A 9 33.55 30.04 1.37
CA PRO A 9 32.50 30.24 0.36
C PRO A 9 31.45 29.15 0.51
N ARG A 10 30.19 29.58 0.66
CA ARG A 10 29.13 28.64 1.00
C ARG A 10 28.92 27.57 -0.05
N TRP A 11 29.60 27.65 -1.19
CA TRP A 11 29.49 26.55 -2.13
C TRP A 11 30.35 25.36 -1.72
N VAL A 12 31.29 25.57 -0.81
CA VAL A 12 32.10 24.46 -0.34
C VAL A 12 31.25 23.33 0.24
N PRO A 13 30.32 23.59 1.16
CA PRO A 13 29.51 22.45 1.66
C PRO A 13 28.80 21.70 0.55
N LEU A 14 28.43 22.38 -0.54
CA LEU A 14 27.87 21.63 -1.66
C LEU A 14 28.90 20.65 -2.20
N LEU A 15 30.14 21.11 -2.35
CA LEU A 15 31.17 20.22 -2.85
C LEU A 15 31.38 19.05 -1.91
N LEU A 16 31.38 19.34 -0.60
CA LEU A 16 31.58 18.29 0.39
C LEU A 16 30.49 17.23 0.29
N GLY A 17 29.24 17.66 0.25
CA GLY A 17 28.14 16.71 0.17
C GLY A 17 28.17 15.93 -1.11
N LEU A 18 28.62 16.57 -2.21
CA LEU A 18 28.85 15.82 -3.43
C LEU A 18 29.84 14.69 -3.18
N LEU A 19 30.98 15.02 -2.54
CA LEU A 19 32.01 14.01 -2.25
C LEU A 19 31.47 12.87 -1.38
N GLY A 20 30.85 13.21 -0.25
CA GLY A 20 30.34 12.18 0.64
C GLY A 20 29.29 11.30 -0.01
N SER A 21 28.33 11.93 -0.71
CA SER A 21 27.27 11.19 -1.36
C SER A 21 27.82 10.32 -2.49
N THR A 22 28.89 10.75 -3.16
CA THR A 22 29.48 9.91 -4.18
C THR A 22 30.13 8.67 -3.57
N THR A 23 30.83 8.86 -2.45
CA THR A 23 31.34 7.72 -1.68
C THR A 23 30.23 6.74 -1.33
N CYS A 24 29.09 7.26 -0.85
CA CYS A 24 27.96 6.41 -0.48
C CYS A 24 27.40 5.68 -1.69
N GLY A 25 27.41 6.34 -2.85
CA GLY A 25 26.95 5.67 -4.05
C GLY A 25 27.86 4.53 -4.43
N MET A 26 29.18 4.73 -4.32
CA MET A 26 30.10 3.63 -4.61
C MET A 26 29.84 2.46 -3.67
N LEU A 27 29.58 2.76 -2.39
CA LEU A 27 29.33 1.70 -1.43
C LEU A 27 28.09 0.90 -1.83
N LEU A 28 27.00 1.60 -2.17
CA LEU A 28 25.75 0.92 -2.50
C LEU A 28 25.79 0.22 -3.85
N TYR A 29 26.66 0.68 -4.78
CA TYR A 29 26.76 0.06 -6.10
C TYR A 29 27.72 -1.14 -6.16
N ALA A 30 28.66 -1.26 -5.22
CA ALA A 30 29.74 -2.24 -5.36
C ALA A 30 29.25 -3.70 -5.50
N TRP A 31 28.19 -4.07 -4.77
CA TRP A 31 27.80 -5.49 -4.71
C TRP A 31 27.46 -6.04 -6.10
N SER A 32 26.93 -5.17 -6.96
CA SER A 32 26.58 -5.62 -8.30
C SER A 32 27.84 -6.00 -9.08
N VAL A 33 28.94 -5.24 -8.93
CA VAL A 33 30.17 -5.65 -9.61
C VAL A 33 30.78 -6.87 -8.92
N PHE A 34 30.41 -7.12 -7.68
CA PHE A 34 31.00 -8.27 -7.00
C PHE A 34 30.23 -9.57 -7.18
N ILE A 35 29.04 -9.54 -7.80
CA ILE A 35 28.23 -10.77 -7.88
C ILE A 35 29.04 -11.92 -8.48
N LYS A 36 29.48 -11.78 -9.73
CA LYS A 36 30.11 -12.91 -10.41
C LYS A 36 31.40 -13.39 -9.75
N PRO A 37 32.32 -12.53 -9.28
CA PRO A 37 33.54 -13.05 -8.65
C PRO A 37 33.26 -13.96 -7.47
N LEU A 38 32.34 -13.57 -6.62
CA LEU A 38 32.04 -14.30 -5.39
C LEU A 38 31.38 -15.63 -5.70
N ASN A 39 30.56 -15.69 -6.74
CA ASN A 39 30.00 -16.97 -7.16
C ASN A 39 31.09 -17.88 -7.71
N ALA A 40 32.02 -17.32 -8.49
CA ALA A 40 33.07 -18.13 -9.11
C ALA A 40 33.91 -18.87 -8.09
N GLU A 41 34.30 -18.20 -7.00
CA GLU A 41 35.09 -18.86 -5.96
C GLU A 41 34.28 -19.81 -5.09
N PHE A 42 32.98 -19.50 -4.86
CA PHE A 42 32.11 -20.34 -4.01
C PHE A 42 30.87 -20.82 -4.80
N SER A 45 25.98 -18.03 -4.64
CA SER A 45 24.60 -17.79 -5.07
C SER A 45 24.30 -16.30 -5.18
N ARG A 46 23.52 -15.91 -6.18
CA ARG A 46 23.20 -14.49 -6.29
C ARG A 46 22.42 -13.99 -5.08
N ALA A 47 21.43 -14.77 -4.62
CA ALA A 47 20.67 -14.38 -3.44
C ALA A 47 21.54 -14.31 -2.20
N GLU A 48 22.47 -15.25 -2.07
CA GLU A 48 23.38 -15.21 -0.93
C GLU A 48 24.17 -13.91 -0.95
N ILE A 49 24.70 -13.54 -2.11
CA ILE A 49 25.40 -12.27 -2.26
C ILE A 49 24.47 -11.11 -1.96
N ALA A 50 23.22 -11.21 -2.42
CA ALA A 50 22.30 -10.11 -2.30
C ALA A 50 21.93 -9.85 -0.84
N MET A 51 21.95 -10.88 -0.01
CA MET A 51 21.68 -10.64 1.40
C MET A 51 22.68 -9.64 1.98
N ALA A 52 23.92 -9.65 1.48
CA ALA A 52 24.90 -8.67 1.92
C ALA A 52 24.45 -7.26 1.56
N PHE A 53 23.92 -7.07 0.35
CA PHE A 53 23.44 -5.76 -0.03
C PHE A 53 22.26 -5.31 0.83
N ALA A 54 21.31 -6.22 1.07
CA ALA A 54 20.15 -5.87 1.88
C ALA A 54 20.54 -5.52 3.31
N ILE A 55 21.44 -6.30 3.91
CA ILE A 55 21.96 -5.95 5.22
C ILE A 55 22.59 -4.57 5.18
N CYS A 56 23.34 -4.27 4.11
CA CYS A 56 23.97 -2.96 4.01
C CYS A 56 22.93 -1.85 4.03
N CYS A 57 21.87 -2.00 3.22
CA CYS A 57 20.81 -0.98 3.14
C CYS A 57 20.15 -0.81 4.50
N LEU A 58 19.87 -1.93 5.16
CA LEU A 58 19.25 -1.86 6.47
C LEU A 58 20.11 -1.07 7.44
N ILE A 59 21.40 -1.41 7.54
CA ILE A 59 22.26 -0.75 8.53
C ILE A 59 22.44 0.72 8.19
N PHE A 60 22.74 1.01 6.93
CA PHE A 60 22.86 2.38 6.45
C PHE A 60 21.64 3.20 6.86
N GLY A 61 20.46 2.74 6.44
CA GLY A 61 19.23 3.48 6.70
C GLY A 61 18.91 3.62 8.17
N LEU A 62 19.29 2.63 8.98
CA LEU A 62 19.07 2.80 10.41
C LEU A 62 20.08 3.77 11.00
N MET A 63 21.36 3.57 10.69
CA MET A 63 22.43 4.37 11.29
C MET A 63 22.34 5.85 10.94
N THR A 64 21.57 6.22 9.92
CA THR A 64 21.35 7.67 9.76
C THR A 64 20.80 8.29 11.03
N PHE A 65 19.81 7.63 11.68
CA PHE A 65 19.19 8.17 12.89
C PHE A 65 20.22 8.50 13.97
N PRO A 66 21.03 7.54 14.46
CA PRO A 66 22.05 7.96 15.43
C PRO A 66 23.00 8.99 14.83
N ALA A 67 23.33 8.86 13.54
CA ALA A 67 24.21 9.84 12.89
C ALA A 67 23.61 11.23 12.90
N GLY A 68 22.31 11.33 12.64
CA GLY A 68 21.68 12.64 12.70
C GLY A 68 21.71 13.19 14.10
N ARG A 69 21.37 12.35 15.09
CA ARG A 69 21.36 12.82 16.47
C ARG A 69 22.75 13.29 16.89
N LEU A 70 23.76 12.48 16.59
CA LEU A 70 25.10 12.86 17.00
C LEU A 70 25.59 14.07 16.23
N SER A 71 25.21 14.18 14.96
CA SER A 71 25.56 15.38 14.21
C SER A 71 24.97 16.62 14.86
N ASP A 72 23.71 16.54 15.26
CA ASP A 72 23.05 17.67 15.89
C ASP A 72 23.71 18.02 17.21
N LYS A 73 24.16 17.01 17.96
CA LYS A 73 24.68 17.27 19.31
C LYS A 73 26.12 17.76 19.25
N MET A 74 27.01 16.97 18.66
CA MET A 74 28.44 17.25 18.68
C MET A 74 29.00 17.66 17.32
N GLY A 75 28.16 18.17 16.43
CA GLY A 75 28.63 18.64 15.15
C GLY A 75 28.76 17.53 14.12
N PRO A 76 28.71 17.92 12.84
CA PRO A 76 28.71 16.93 11.76
C PRO A 76 30.09 16.41 11.36
N ARG A 77 31.15 17.17 11.64
CA ARG A 77 32.49 16.78 11.20
C ARG A 77 32.89 15.45 11.81
N LYS A 78 32.80 15.35 13.14
CA LYS A 78 33.15 14.11 13.82
C LYS A 78 32.37 12.94 13.26
N VAL A 79 31.08 13.17 12.95
CA VAL A 79 30.20 12.09 12.50
C VAL A 79 30.65 11.58 11.14
N VAL A 80 30.83 12.49 10.18
CA VAL A 80 31.24 12.04 8.86
C VAL A 80 32.64 11.42 8.90
N MET A 81 33.54 11.94 9.73
CA MET A 81 34.89 11.38 9.68
C MET A 81 34.95 10.01 10.35
N THR A 82 34.22 9.82 11.45
CA THR A 82 34.02 8.48 12.01
C THR A 82 33.41 7.55 10.97
N GLY A 83 32.40 8.02 10.24
CA GLY A 83 31.80 7.20 9.21
C GLY A 83 32.79 6.82 8.14
N GLY A 84 33.66 7.76 7.76
CA GLY A 84 34.68 7.44 6.79
C GLY A 84 35.60 6.35 7.30
N VAL A 85 36.01 6.45 8.57
CA VAL A 85 36.86 5.41 9.15
C VAL A 85 36.14 4.07 9.16
N LEU A 86 34.89 4.06 9.63
CA LEU A 86 34.12 2.82 9.72
C LEU A 86 33.94 2.18 8.37
N LEU A 87 33.59 2.96 7.37
CA LEU A 87 33.38 2.43 6.03
C LEU A 87 34.68 1.90 5.45
N ALA A 88 35.75 2.70 5.56
CA ALA A 88 37.04 2.28 5.05
C ALA A 88 37.44 0.95 5.67
N ILE A 89 37.29 0.85 7.00
CA ILE A 89 37.58 -0.40 7.71
C ILE A 89 36.72 -1.54 7.18
N GLY A 90 35.41 -1.34 7.12
CA GLY A 90 34.52 -2.43 6.74
C GLY A 90 34.75 -2.91 5.33
N PHE A 91 34.89 -1.97 4.39
CA PHE A 91 35.11 -2.38 3.05
C PHE A 91 36.38 -3.08 2.97
N ILE A 92 37.45 -2.47 3.49
CA ILE A 92 38.77 -3.07 3.39
C ILE A 92 38.77 -4.48 4.00
N LEU A 93 38.04 -4.68 5.11
CA LEU A 93 37.98 -6.00 5.71
C LEU A 93 37.23 -7.01 4.83
N SER A 94 36.31 -6.54 3.98
CA SER A 94 35.65 -7.47 3.07
C SER A 94 36.63 -8.20 2.17
N GLY A 95 37.76 -7.58 1.82
CA GLY A 95 38.74 -8.28 1.00
C GLY A 95 39.29 -9.54 1.64
N PHE A 96 39.42 -9.54 2.98
CA PHE A 96 39.97 -10.65 3.74
C PHE A 96 38.90 -11.65 4.18
N ILE A 97 37.68 -11.54 3.66
CA ILE A 97 36.65 -12.48 4.09
C ILE A 97 36.92 -13.83 3.47
N GLN A 98 36.48 -14.88 4.16
CA GLN A 98 36.62 -16.25 3.69
C GLN A 98 35.29 -16.99 3.79
N SER A 99 34.24 -16.33 4.25
CA SER A 99 32.91 -16.92 4.35
C SER A 99 31.85 -15.88 4.10
N LYS A 100 30.60 -16.36 4.00
CA LYS A 100 29.47 -15.48 3.75
C LYS A 100 29.25 -14.51 4.91
N TYR A 101 29.23 -15.02 6.15
CA TYR A 101 29.01 -14.13 7.29
C TYR A 101 30.11 -13.11 7.44
N GLN A 102 31.35 -13.49 7.12
CA GLN A 102 32.43 -12.51 7.10
C GLN A 102 32.00 -11.31 6.28
N LEU A 103 31.48 -11.57 5.09
CA LEU A 103 31.01 -10.49 4.23
C LEU A 103 29.82 -9.76 4.81
N TYR A 104 28.84 -10.51 5.35
CA TYR A 104 27.70 -9.86 6.00
C TYR A 104 28.17 -8.84 7.02
N ILE A 105 29.18 -9.18 7.80
CA ILE A 105 29.67 -8.25 8.82
C ILE A 105 30.45 -7.12 8.19
N THR A 106 31.49 -7.45 7.42
CA THR A 106 32.39 -6.43 6.90
C THR A 106 31.64 -5.42 6.03
N TYR A 107 30.91 -5.91 5.03
CA TYR A 107 30.17 -5.06 4.12
C TYR A 107 28.81 -4.63 4.67
N GLY A 108 28.01 -5.58 5.15
CA GLY A 108 26.67 -5.25 5.57
C GLY A 108 26.62 -4.30 6.75
N VAL A 109 27.43 -4.56 7.79
CA VAL A 109 27.27 -3.78 9.01
C VAL A 109 28.28 -2.64 9.12
N ILE A 110 29.58 -2.95 9.11
CA ILE A 110 30.61 -1.92 9.30
C ILE A 110 30.53 -0.90 8.17
N ALA A 111 30.44 -1.40 6.94
CA ALA A 111 30.43 -0.48 5.82
C ALA A 111 29.10 0.25 5.78
N GLY A 112 28.00 -0.45 6.04
CA GLY A 112 26.71 0.21 6.07
C GLY A 112 26.63 1.24 7.18
N PHE A 113 27.20 0.91 8.33
CA PHE A 113 27.27 1.82 9.47
C PHE A 113 27.98 3.12 9.07
N GLY A 114 29.21 2.98 8.55
CA GLY A 114 29.96 4.15 8.11
C GLY A 114 29.22 4.91 7.03
N GLY A 115 28.54 4.20 6.15
CA GLY A 115 27.85 4.87 5.05
C GLY A 115 26.73 5.76 5.54
N GLY A 116 25.90 5.24 6.46
CA GLY A 116 24.84 6.08 7.01
C GLY A 116 25.39 7.30 7.72
N MET A 117 26.47 7.11 8.46
CA MET A 117 27.06 8.24 9.16
C MET A 117 27.67 9.26 8.21
N ILE A 118 28.13 8.84 7.03
CA ILE A 118 28.60 9.80 6.04
C ILE A 118 27.42 10.48 5.34
N TYR A 119 26.40 9.72 5.03
CA TYR A 119 25.33 10.20 4.18
C TYR A 119 24.61 11.34 4.86
N LEU A 120 24.29 11.19 6.12
CA LEU A 120 23.29 12.12 6.65
C LEU A 120 23.76 13.55 7.00
N PRO A 121 24.86 13.69 7.73
CA PRO A 121 25.22 15.01 8.26
C PRO A 121 25.34 16.08 7.17
N PRO A 122 25.88 15.77 5.99
CA PRO A 122 25.88 16.82 4.95
C PRO A 122 24.50 17.15 4.45
N ILE A 123 23.64 16.14 4.31
CA ILE A 123 22.26 16.42 3.95
C ILE A 123 21.66 17.46 4.89
N ALA A 124 22.01 17.37 6.18
CA ALA A 124 21.48 18.37 7.11
C ALA A 124 22.21 19.69 7.04
N THR A 125 23.51 19.67 6.77
CA THR A 125 24.35 20.86 6.93
C THR A 125 24.27 21.78 5.72
N ALA A 126 24.31 21.21 4.51
CA ALA A 126 24.35 22.01 3.28
C ALA A 126 23.23 23.03 3.18
N PRO A 127 21.96 22.68 3.42
CA PRO A 127 20.91 23.73 3.38
C PRO A 127 21.15 24.83 4.38
N LYS A 128 21.76 24.53 5.53
CA LYS A 128 22.05 25.57 6.50
C LYS A 128 22.89 26.67 5.85
N TRP A 129 23.67 26.33 4.84
CA TRP A 129 24.40 27.37 4.14
C TRP A 129 23.60 28.02 3.04
N TRP A 130 22.45 27.46 2.68
CA TRP A 130 21.69 27.92 1.54
C TRP A 130 20.22 28.08 1.92
N PRO A 131 19.91 29.06 2.78
CA PRO A 131 18.50 29.33 3.11
C PRO A 131 17.71 29.89 1.93
N ASP A 132 18.37 30.58 1.00
CA ASP A 132 17.70 31.04 -0.20
C ASP A 132 17.35 29.87 -1.13
N ARG A 133 18.15 28.79 -1.12
CA ARG A 133 17.90 27.64 -2.01
C ARG A 133 18.05 26.30 -1.27
N ARG A 134 17.11 25.97 -0.38
CA ARG A 134 17.36 24.81 0.48
C ARG A 134 17.34 23.48 -0.30
N ALA A 135 16.37 23.29 -1.19
CA ALA A 135 16.24 22.01 -1.88
C ALA A 135 17.41 21.75 -2.84
N LEU A 136 17.88 22.77 -3.54
CA LEU A 136 19.04 22.55 -4.39
C LEU A 136 20.25 22.11 -3.57
N ALA A 137 20.47 22.76 -2.42
CA ALA A 137 21.60 22.42 -1.56
C ALA A 137 21.49 20.96 -1.11
N THR A 138 20.30 20.58 -0.65
CA THR A 138 20.04 19.19 -0.32
C THR A 138 20.38 18.25 -1.48
N GLY A 139 19.96 18.63 -2.68
CA GLY A 139 20.26 17.80 -3.84
C GLY A 139 21.75 17.58 -4.02
N PHE A 140 22.54 18.62 -3.78
CA PHE A 140 23.99 18.42 -3.85
C PHE A 140 24.46 17.47 -2.77
N ALA A 141 23.81 17.48 -1.63
CA ALA A 141 24.17 16.52 -0.60
C ALA A 141 23.80 15.09 -0.98
N VAL A 142 22.83 14.91 -1.88
CA VAL A 142 22.39 13.54 -2.21
C VAL A 142 22.72 13.11 -3.63
N VAL A 143 23.32 13.96 -4.45
CA VAL A 143 23.44 13.60 -5.86
C VAL A 143 24.49 12.52 -6.07
N GLY A 144 25.47 12.41 -5.16
CA GLY A 144 26.54 11.46 -5.37
C GLY A 144 26.04 10.03 -5.47
N LEU A 145 24.90 9.74 -4.83
CA LEU A 145 24.37 8.38 -4.88
C LEU A 145 23.98 7.98 -6.29
N GLY A 146 23.59 8.94 -7.13
CA GLY A 146 23.47 8.64 -8.55
C GLY A 146 24.83 8.41 -9.20
N LEU A 147 25.82 9.22 -8.85
CA LEU A 147 27.07 9.16 -9.63
C LEU A 147 27.94 7.95 -9.35
N GLY A 148 27.86 7.33 -8.17
CA GLY A 148 28.88 6.34 -7.79
C GLY A 148 29.04 5.26 -8.85
N SER A 149 27.92 4.84 -9.44
CA SER A 149 27.97 3.88 -10.52
C SER A 149 28.86 4.40 -11.64
N PHE A 150 28.66 5.65 -12.05
CA PHE A 150 29.38 6.15 -13.21
C PHE A 150 30.90 6.20 -12.99
N LEU A 151 31.36 6.78 -11.89
CA LEU A 151 32.81 6.89 -11.71
C LEU A 151 33.42 5.52 -11.46
N MET A 152 32.89 4.84 -10.46
CA MET A 152 33.34 3.54 -9.98
C MET A 152 33.18 2.28 -10.81
N GLY A 153 32.01 2.11 -11.43
CA GLY A 153 31.71 0.89 -12.14
C GLY A 153 32.76 0.62 -13.20
N PRO A 154 33.06 1.62 -14.04
CA PRO A 154 34.18 1.44 -14.97
C PRO A 154 35.50 1.18 -14.27
N LEU A 155 35.81 1.93 -13.21
CA LEU A 155 37.08 1.73 -12.53
C LEU A 155 37.12 0.37 -11.80
N ALA A 156 36.06 0.04 -11.05
CA ALA A 156 36.01 -1.25 -10.37
C ALA A 156 36.07 -2.39 -11.39
N THR A 157 35.41 -2.21 -12.54
CA THR A 157 35.48 -3.20 -13.60
C THR A 157 36.91 -3.32 -14.13
N TYR A 158 37.58 -2.18 -14.33
CA TYR A 158 38.94 -2.16 -14.85
C TYR A 158 39.85 -2.99 -13.95
N ILE A 159 39.61 -2.95 -12.64
CA ILE A 159 40.53 -3.60 -11.68
C ILE A 159 40.52 -5.13 -11.74
N ILE A 160 39.36 -5.77 -11.81
CA ILE A 160 39.37 -7.21 -11.57
C ILE A 160 40.07 -8.00 -12.70
N GLU A 161 39.99 -7.53 -13.93
CA GLU A 161 40.52 -8.32 -15.04
C GLU A 161 42.03 -8.10 -15.23
N TRP A 167 39.24 -9.40 -7.69
CA TRP A 167 38.11 -8.61 -7.24
C TRP A 167 38.42 -7.96 -5.92
N ARG A 168 39.23 -8.65 -5.11
CA ARG A 168 39.67 -8.08 -3.84
C ARG A 168 40.39 -6.75 -4.00
N TYR A 169 41.08 -6.56 -5.12
CA TYR A 169 41.72 -5.27 -5.37
C TYR A 169 40.67 -4.15 -5.37
N VAL A 170 39.47 -4.43 -5.89
CA VAL A 170 38.38 -3.45 -5.82
C VAL A 170 38.08 -3.10 -4.38
N PHE A 171 37.86 -4.13 -3.53
CA PHE A 171 37.54 -3.88 -2.13
C PHE A 171 38.59 -3.03 -1.45
N TRP A 172 39.85 -3.49 -1.48
CA TRP A 172 40.91 -2.79 -0.76
C TRP A 172 41.13 -1.38 -1.28
N TYR A 173 41.42 -1.26 -2.58
CA TYR A 173 41.78 0.04 -3.14
C TYR A 173 40.61 1.01 -3.12
N CYS A 174 39.41 0.54 -3.51
CA CYS A 174 38.23 1.38 -3.46
C CYS A 174 37.91 1.77 -2.02
N GLY A 175 38.08 0.84 -1.07
CA GLY A 175 37.92 1.19 0.33
C GLY A 175 38.83 2.32 0.76
N VAL A 176 40.08 2.28 0.31
CA VAL A 176 41.02 3.38 0.61
C VAL A 176 40.55 4.69 0.00
N ALA A 177 40.25 4.68 -1.30
CA ALA A 177 39.87 5.92 -1.99
C ALA A 177 38.60 6.51 -1.39
N MET A 178 37.64 5.64 -1.07
CA MET A 178 36.40 6.07 -0.45
C MET A 178 36.65 6.64 0.94
N GLY A 179 37.52 6.02 1.74
CA GLY A 179 37.86 6.58 3.02
C GLY A 179 38.49 7.96 2.92
N ILE A 180 39.39 8.13 1.94
CA ILE A 180 40.02 9.45 1.75
C ILE A 180 38.97 10.49 1.39
N MET A 181 38.10 10.16 0.43
CA MET A 181 37.08 11.11 0.02
C MET A 181 36.19 11.49 1.20
N ALA A 182 35.79 10.50 2.00
CA ALA A 182 34.90 10.77 3.13
C ALA A 182 35.59 11.57 4.22
N LEU A 183 36.85 11.26 4.49
CA LEU A 183 37.57 12.03 5.49
C LEU A 183 37.78 13.46 5.03
N ILE A 184 38.03 13.69 3.74
CA ILE A 184 38.13 15.05 3.24
C ILE A 184 36.78 15.75 3.36
N ALA A 185 35.71 15.06 2.98
CA ALA A 185 34.38 15.66 3.05
C ALA A 185 34.03 16.04 4.48
N GLY A 186 34.29 15.14 5.43
CA GLY A 186 33.98 15.42 6.82
C GLY A 186 34.94 16.41 7.46
N ALA A 187 36.15 16.49 6.92
CA ALA A 187 37.17 17.36 7.48
C ALA A 187 36.74 18.83 7.42
N PHE A 188 36.14 19.25 6.31
CA PHE A 188 35.73 20.63 6.10
C PHE A 188 34.27 20.92 6.40
N LEU A 189 33.57 20.03 7.08
CA LEU A 189 32.15 20.20 7.22
C LEU A 189 31.81 20.72 8.61
N GLU A 190 31.05 21.81 8.64
CA GLU A 190 30.49 22.39 9.85
C GLU A 190 29.45 23.43 9.47
N PRO A 191 28.44 23.65 10.30
CA PRO A 191 27.39 24.63 9.97
C PRO A 191 27.95 26.03 9.88
N PRO A 192 27.18 27.00 9.38
CA PRO A 192 27.60 28.41 9.45
C PRO A 192 27.66 28.85 10.91
N PRO A 193 28.24 30.02 11.20
CA PRO A 193 28.33 30.43 12.61
C PRO A 193 26.94 30.77 13.14
N ALA A 194 26.69 30.35 14.39
CA ALA A 194 25.33 30.33 14.93
C ALA A 194 24.61 31.66 14.73
N GLY A 195 25.33 32.77 14.88
CA GLY A 195 24.71 34.07 14.73
C GLY A 195 24.49 34.51 13.29
N TRP A 196 25.57 34.58 12.51
CA TRP A 196 25.51 35.26 11.24
C TRP A 196 25.34 34.27 10.09
N LYS A 197 24.27 34.49 9.36
CA LYS A 197 23.88 33.62 8.31
C LYS A 197 24.28 34.23 6.98
N PRO A 198 25.03 33.48 6.15
CA PRO A 198 25.52 34.03 4.88
C PRO A 198 24.41 34.56 3.97
N ALA A 199 24.43 35.87 3.75
CA ALA A 199 23.42 36.53 2.95
C ALA A 199 24.06 37.60 2.09
N GLY A 200 23.36 37.96 1.02
CA GLY A 200 23.60 39.22 0.38
C GLY A 200 22.39 40.09 0.63
N TYR A 201 21.24 39.43 0.82
CA TYR A 201 19.94 40.08 0.98
C TYR A 201 19.16 39.40 2.11
N THR A 202 18.28 40.18 2.73
CA THR A 202 17.34 39.68 3.73
C THR A 202 18.10 39.03 4.87
N ALA A 211 4.16 47.46 18.09
CA ALA A 211 4.65 47.12 19.42
C ALA A 211 5.47 45.84 19.38
N ALA A 212 5.16 44.90 20.30
CA ALA A 212 5.94 43.69 20.53
C ALA A 212 5.71 42.66 19.42
N PRO A 213 6.78 42.04 18.90
CA PRO A 213 6.63 41.12 17.75
C PRO A 213 6.08 39.76 18.13
N LYS A 214 6.14 38.81 17.20
CA LYS A 214 5.60 37.46 17.37
C LYS A 214 6.69 36.51 16.89
N VAL A 215 7.59 36.12 17.80
CA VAL A 215 8.78 35.36 17.44
C VAL A 215 8.43 33.89 17.27
N THR A 216 8.75 33.33 16.10
CA THR A 216 8.62 31.89 15.88
C THR A 216 9.99 31.23 15.95
N ARG A 217 9.97 29.90 15.89
CA ARG A 217 11.19 29.11 16.07
C ARG A 217 11.00 27.77 15.40
N ASP A 218 12.12 27.12 15.11
CA ASP A 218 12.06 25.81 14.52
C ASP A 218 11.51 24.81 15.53
N TRP A 219 11.26 23.59 15.05
CA TRP A 219 10.70 22.59 15.92
C TRP A 219 11.81 21.81 16.58
N THR A 220 11.57 21.36 17.80
CA THR A 220 12.50 20.45 18.43
C THR A 220 12.31 19.03 17.89
N TYR A 221 13.37 18.22 18.01
CA TYR A 221 13.28 16.85 17.54
C TYR A 221 12.17 16.09 18.26
N GLU A 222 12.02 16.34 19.56
CA GLU A 222 10.92 15.72 20.28
C GLU A 222 9.57 16.25 19.78
N GLU A 223 9.52 17.52 19.38
CA GLU A 223 8.27 18.07 18.83
C GLU A 223 8.01 17.50 17.44
N ALA A 224 9.05 17.41 16.60
CA ALA A 224 8.86 16.89 15.26
C ALA A 224 8.49 15.41 15.29
N LYS A 225 9.27 14.63 16.03
CA LYS A 225 9.03 13.20 16.18
C LYS A 225 7.62 12.92 16.69
N GLY A 226 7.11 13.75 17.60
CA GLY A 226 5.76 13.57 18.08
C GLY A 226 4.66 14.06 17.14
N ASP A 227 5.02 14.73 16.04
CA ASP A 227 4.01 15.30 15.15
C ASP A 227 3.41 14.24 14.24
N THR A 228 2.11 14.35 14.00
CA THR A 228 1.41 13.38 13.18
C THR A 228 1.88 13.44 11.74
N LYS A 229 2.16 14.67 11.26
CA LYS A 229 2.58 14.82 9.86
C LYS A 229 3.94 14.20 9.60
N PHE A 230 4.81 14.18 10.60
CA PHE A 230 6.08 13.48 10.42
C PHE A 230 5.84 12.05 9.99
N TRP A 231 4.88 11.39 10.63
CA TRP A 231 4.69 9.99 10.28
C TRP A 231 3.89 9.82 9.01
N LEU A 232 3.01 10.76 8.65
CA LEU A 232 2.45 10.64 7.32
C LEU A 232 3.57 10.69 6.29
N LEU A 233 4.50 11.61 6.48
CA LEU A 233 5.65 11.67 5.59
C LEU A 233 6.47 10.41 5.67
N TYR A 234 6.61 9.87 6.87
CA TYR A 234 7.36 8.64 7.04
C TYR A 234 6.74 7.52 6.23
N LEU A 235 5.43 7.39 6.35
CA LEU A 235 4.69 6.35 5.67
C LEU A 235 4.82 6.51 4.18
N ALA A 236 4.73 7.74 3.71
CA ALA A 236 4.85 7.95 2.29
C ALA A 236 6.26 7.59 1.84
N TYR A 237 7.25 7.94 2.63
CA TYR A 237 8.63 7.65 2.27
C TYR A 237 8.83 6.15 2.14
N PHE A 238 8.28 5.41 3.11
CA PHE A 238 8.37 3.96 3.04
C PHE A 238 7.69 3.45 1.79
N CYS A 239 6.48 3.95 1.51
CA CYS A 239 5.79 3.44 0.33
C CYS A 239 6.59 3.66 -0.94
N GLY A 240 7.05 4.89 -1.17
CA GLY A 240 7.73 5.17 -2.43
C GLY A 240 9.05 4.42 -2.54
N SER A 241 9.85 4.49 -1.48
CA SER A 241 11.09 3.73 -1.43
C SER A 241 10.82 2.26 -1.77
N PHE A 242 9.77 1.72 -1.18
CA PHE A 242 9.50 0.30 -1.33
C PHE A 242 9.10 -0.04 -2.76
N ALA A 243 8.24 0.79 -3.37
CA ALA A 243 7.79 0.55 -4.74
C ALA A 243 8.97 0.52 -5.70
N GLY A 244 9.77 1.59 -5.67
CA GLY A 244 10.90 1.64 -6.56
C GLY A 244 11.83 0.46 -6.36
N LEU A 245 12.16 0.16 -5.09
CA LEU A 245 13.10 -0.90 -4.83
C LEU A 245 12.53 -2.27 -5.18
N MET A 246 11.21 -2.39 -5.20
CA MET A 246 10.59 -3.66 -5.51
C MET A 246 10.54 -3.94 -7.00
N VAL A 247 10.46 -2.93 -7.86
CA VAL A 247 10.31 -3.18 -9.29
C VAL A 247 11.54 -2.84 -10.14
N ILE A 248 12.46 -1.98 -9.68
CA ILE A 248 13.57 -1.58 -10.54
C ILE A 248 14.35 -2.80 -11.00
N GLY A 249 14.65 -3.69 -10.07
CA GLY A 249 15.38 -4.87 -10.47
C GLY A 249 14.66 -5.70 -11.50
N HIS A 250 13.36 -5.51 -11.66
CA HIS A 250 12.59 -6.28 -12.63
C HIS A 250 12.46 -5.59 -14.00
N LEU A 251 12.82 -4.31 -14.11
CA LEU A 251 12.70 -3.66 -15.43
C LEU A 251 13.34 -4.49 -16.57
N ALA A 252 14.61 -4.87 -16.45
CA ALA A 252 15.25 -5.51 -17.60
C ALA A 252 14.64 -6.87 -17.88
N GLY A 253 14.28 -7.59 -16.84
CA GLY A 253 13.63 -8.88 -17.02
C GLY A 253 12.28 -8.75 -17.69
N PHE A 254 11.55 -7.68 -17.36
CA PHE A 254 10.29 -7.45 -18.06
C PHE A 254 10.55 -7.29 -19.54
N GLY A 255 11.56 -6.49 -19.88
CA GLY A 255 11.94 -6.33 -21.28
C GLY A 255 12.25 -7.64 -21.96
N ARG A 256 13.22 -8.39 -21.40
CA ARG A 256 13.60 -9.66 -22.02
C ARG A 256 12.40 -10.58 -22.12
N ASP A 257 11.58 -10.59 -21.07
CA ASP A 257 10.35 -11.35 -21.09
C ASP A 257 9.46 -10.91 -22.25
N ALA A 258 9.43 -9.60 -22.56
CA ALA A 258 8.55 -9.20 -23.65
C ALA A 258 9.10 -9.51 -25.03
N GLY A 259 10.36 -9.92 -25.14
CA GLY A 259 10.84 -10.28 -26.46
C GLY A 259 12.11 -9.58 -26.87
N LEU A 260 12.60 -8.68 -26.02
CA LEU A 260 13.84 -7.99 -26.31
C LEU A 260 15.03 -8.90 -26.04
N THR A 261 16.15 -8.56 -26.68
CA THR A 261 17.42 -9.18 -26.35
C THR A 261 17.90 -8.63 -25.02
N ALA A 262 18.67 -9.45 -24.30
CA ALA A 262 19.25 -8.99 -23.03
C ALA A 262 20.02 -7.69 -23.23
N MET A 263 20.83 -7.61 -24.29
CA MET A 263 21.56 -6.38 -24.58
C MET A 263 20.62 -5.20 -24.74
N ALA A 264 19.51 -5.39 -25.47
CA ALA A 264 18.58 -4.30 -25.73
C ALA A 264 17.88 -3.90 -24.47
N ALA A 265 17.37 -4.89 -23.72
CA ALA A 265 16.66 -4.60 -22.48
C ALA A 265 17.55 -3.86 -21.49
N ALA A 266 18.80 -4.30 -21.34
CA ALA A 266 19.69 -3.65 -20.39
C ALA A 266 20.03 -2.23 -20.82
N GLY A 267 20.33 -2.05 -22.12
CA GLY A 267 20.51 -0.70 -22.64
C GLY A 267 19.35 0.21 -22.27
N ALA A 268 18.13 -0.26 -22.52
CA ALA A 268 16.99 0.56 -22.21
C ALA A 268 16.96 0.94 -20.74
N VAL A 269 17.01 -0.07 -19.86
CA VAL A 269 16.91 0.23 -18.42
C VAL A 269 18.04 1.15 -17.94
N SER A 270 19.19 1.17 -18.63
CA SER A 270 20.31 1.95 -18.11
C SER A 270 20.04 3.46 -18.05
N SER A 271 19.10 3.98 -18.82
CA SER A 271 18.80 5.41 -18.74
C SER A 271 18.32 5.81 -17.36
N LEU A 272 17.83 4.83 -16.59
CA LEU A 272 17.32 5.15 -15.27
C LEU A 272 18.37 5.82 -14.41
N ALA A 273 19.63 5.41 -14.53
CA ALA A 273 20.67 6.01 -13.67
C ALA A 273 20.84 7.50 -13.96
N PHE A 274 20.85 7.87 -15.25
CA PHE A 274 20.93 9.27 -15.59
C PHE A 274 19.78 10.04 -14.97
N SER A 275 18.55 9.53 -15.11
CA SER A 275 17.47 10.35 -14.56
C SER A 275 17.53 10.38 -13.03
N ASN A 276 17.86 9.25 -12.40
CA ASN A 276 17.94 9.20 -10.94
C ASN A 276 18.98 10.18 -10.42
N ALA A 277 20.09 10.35 -11.13
CA ALA A 277 21.07 11.33 -10.69
C ALA A 277 20.56 12.76 -10.92
N ALA A 278 20.12 13.06 -12.14
CA ALA A 278 19.75 14.43 -12.52
C ALA A 278 18.58 14.97 -11.70
N THR A 279 17.56 14.15 -11.44
CA THR A 279 16.40 14.68 -10.76
C THR A 279 16.79 15.27 -9.43
N ARG A 280 17.82 14.70 -8.80
CA ARG A 280 18.16 15.13 -7.47
C ARG A 280 18.50 16.61 -7.45
N ILE A 281 19.13 17.11 -8.51
CA ILE A 281 19.47 18.53 -8.57
C ILE A 281 18.35 19.34 -9.18
N LEU A 282 17.79 18.83 -10.28
CA LEU A 282 16.79 19.58 -11.01
C LEU A 282 15.52 19.78 -10.18
N SER A 283 14.99 18.69 -9.58
CA SER A 283 13.84 18.83 -8.72
C SER A 283 14.12 19.76 -7.56
N GLY A 284 15.31 19.68 -6.99
CA GLY A 284 15.64 20.59 -5.92
C GLY A 284 15.50 22.02 -6.37
N TRP A 285 16.10 22.34 -7.51
CA TRP A 285 15.99 23.69 -8.05
C TRP A 285 14.54 24.07 -8.35
N PHE A 286 13.79 23.15 -8.91
CA PHE A 286 12.43 23.46 -9.31
C PHE A 286 11.54 23.78 -8.11
N VAL A 287 11.60 22.95 -7.07
CA VAL A 287 10.74 23.23 -5.92
C VAL A 287 11.28 24.43 -5.16
N ASP A 288 12.59 24.67 -5.19
CA ASP A 288 13.07 25.92 -4.63
C ASP A 288 12.32 27.06 -5.28
N LYS A 289 12.10 26.97 -6.60
CA LYS A 289 11.44 28.06 -7.30
C LYS A 289 9.91 28.09 -7.15
N ILE A 290 9.21 26.95 -7.06
CA ILE A 290 7.74 26.98 -7.13
C ILE A 290 7.04 26.28 -5.97
N GLY A 291 7.77 25.80 -4.96
CA GLY A 291 7.15 25.04 -3.89
C GLY A 291 7.20 23.55 -4.15
N ILE A 292 6.96 22.77 -3.10
CA ILE A 292 7.25 21.34 -3.12
C ILE A 292 6.01 20.51 -3.35
N ARG A 293 4.96 20.79 -2.57
CA ARG A 293 3.90 19.82 -2.36
C ARG A 293 3.32 19.33 -3.68
N VAL A 294 2.94 20.25 -4.55
CA VAL A 294 2.24 19.82 -5.76
C VAL A 294 3.20 19.09 -6.71
N TYR A 295 4.40 19.64 -6.92
CA TYR A 295 5.37 18.95 -7.76
C TYR A 295 5.64 17.56 -7.22
N PHE A 296 5.81 17.46 -5.89
CA PHE A 296 6.09 16.20 -5.25
C PHE A 296 4.97 15.19 -5.47
N ALA A 297 3.74 15.61 -5.19
CA ALA A 297 2.60 14.74 -5.40
C ALA A 297 2.50 14.34 -6.85
N ALA A 298 2.83 15.26 -7.76
CA ALA A 298 2.73 14.92 -9.17
C ALA A 298 3.74 13.83 -9.52
N LEU A 299 4.97 13.94 -9.02
CA LEU A 299 5.97 12.90 -9.25
C LEU A 299 5.50 11.52 -8.75
N PHE A 300 4.92 11.49 -7.55
CA PHE A 300 4.40 10.21 -7.05
C PHE A 300 3.33 9.68 -7.97
N ALA A 301 2.41 10.55 -8.40
CA ALA A 301 1.40 10.11 -9.34
C ALA A 301 2.04 9.54 -10.60
N LEU A 302 3.04 10.24 -11.12
CA LEU A 302 3.68 9.81 -12.35
C LEU A 302 4.29 8.43 -12.18
N GLN A 303 4.87 8.19 -11.00
CA GLN A 303 5.43 6.90 -10.66
C GLN A 303 4.36 5.84 -10.60
N THR A 304 3.19 6.22 -10.07
CA THR A 304 2.05 5.32 -10.07
C THR A 304 1.68 4.94 -11.49
N ALA A 305 1.51 5.95 -12.34
CA ALA A 305 1.15 5.68 -13.72
C ALA A 305 2.21 4.84 -14.38
N ALA A 306 3.49 5.05 -14.05
CA ALA A 306 4.53 4.26 -14.71
C ALA A 306 4.41 2.80 -14.31
N MET A 307 4.16 2.52 -13.04
CA MET A 307 4.01 1.11 -12.66
C MET A 307 2.91 0.46 -13.49
N ILE A 308 1.84 1.22 -13.74
CA ILE A 308 0.79 0.63 -14.58
C ILE A 308 1.23 0.59 -16.05
N ALA A 309 1.89 1.66 -16.52
CA ALA A 309 2.08 1.81 -17.96
C ALA A 309 3.13 0.86 -18.47
N ILE A 310 4.01 0.37 -17.62
CA ILE A 310 5.01 -0.53 -18.13
C ILE A 310 4.38 -1.67 -18.89
N PHE A 311 3.17 -2.08 -18.52
CA PHE A 311 2.55 -3.18 -19.28
C PHE A 311 2.14 -2.78 -20.68
N GLN A 312 2.17 -1.50 -21.03
CA GLN A 312 1.94 -1.10 -22.41
C GLN A 312 3.20 -0.61 -23.12
N LEU A 313 4.14 -0.01 -22.40
CA LEU A 313 5.33 0.51 -23.06
C LEU A 313 6.52 -0.44 -23.04
N GLY A 314 6.57 -1.38 -22.11
CA GLY A 314 7.79 -2.09 -21.80
C GLY A 314 8.29 -3.07 -22.83
N GLY A 315 7.62 -3.28 -23.96
CA GLY A 315 8.07 -4.32 -24.88
C GLY A 315 8.95 -3.84 -26.01
N SER A 316 9.40 -2.61 -25.94
CA SER A 316 10.25 -2.04 -26.97
C SER A 316 11.31 -1.23 -26.25
N VAL A 317 12.51 -1.24 -26.80
CA VAL A 317 13.60 -0.47 -26.21
C VAL A 317 13.13 0.95 -25.88
N VAL A 318 12.43 1.61 -26.81
CA VAL A 318 12.04 2.99 -26.59
C VAL A 318 11.04 3.10 -25.46
N GLY A 319 9.99 2.28 -25.49
CA GLY A 319 9.02 2.33 -24.39
C GLY A 319 9.67 2.00 -23.07
N LEU A 320 10.41 0.88 -23.03
CA LEU A 320 11.00 0.45 -21.76
C LEU A 320 11.92 1.52 -21.22
N SER A 321 12.72 2.15 -22.10
CA SER A 321 13.54 3.30 -21.71
C SER A 321 12.71 4.42 -21.09
N ILE A 322 11.58 4.75 -21.71
CA ILE A 322 10.80 5.86 -21.16
C ILE A 322 10.35 5.54 -19.75
N VAL A 323 9.88 4.30 -19.54
CA VAL A 323 9.47 3.95 -18.18
C VAL A 323 10.66 4.00 -17.24
N ALA A 324 11.82 3.48 -17.67
CA ALA A 324 12.96 3.47 -16.75
C ALA A 324 13.34 4.88 -16.37
N ILE A 325 13.32 5.79 -17.34
CA ILE A 325 13.69 7.17 -17.06
C ILE A 325 12.72 7.80 -16.08
N VAL A 326 11.42 7.59 -16.28
CA VAL A 326 10.44 8.14 -15.35
C VAL A 326 10.59 7.53 -13.96
N ILE A 327 10.68 6.20 -13.90
CA ILE A 327 10.82 5.56 -12.61
C ILE A 327 12.03 6.14 -11.88
N GLY A 328 13.15 6.27 -12.61
CA GLY A 328 14.32 6.92 -12.04
C GLY A 328 14.05 8.33 -11.59
N TRP A 329 13.33 9.13 -12.42
CA TRP A 329 13.11 10.54 -12.08
C TRP A 329 12.37 10.66 -10.76
N ASN A 330 11.25 9.95 -10.65
CA ASN A 330 10.42 10.01 -9.45
C ASN A 330 11.17 9.45 -8.24
N TYR A 331 11.78 8.27 -8.41
CA TYR A 331 12.49 7.63 -7.33
C TYR A 331 13.53 8.57 -6.75
N GLY A 332 14.47 9.01 -7.59
CA GLY A 332 15.50 9.96 -7.12
C GLY A 332 14.94 11.21 -6.49
N ALA A 333 13.85 11.77 -7.05
CA ALA A 333 13.33 13.01 -6.47
C ALA A 333 13.05 12.84 -5.01
N MET A 334 12.58 11.63 -4.63
CA MET A 334 12.26 11.41 -3.22
C MET A 334 13.40 11.88 -2.30
N PHE A 335 14.65 11.59 -2.66
CA PHE A 335 15.76 11.83 -1.74
C PHE A 335 16.18 13.29 -1.65
N THR A 336 15.66 14.18 -2.52
CA THR A 336 15.73 15.62 -2.29
C THR A 336 14.47 16.16 -1.62
N LEU A 337 13.30 15.70 -2.08
CA LEU A 337 12.06 16.37 -1.73
C LEU A 337 11.64 16.06 -0.30
N PHE A 338 11.75 14.79 0.11
CA PHE A 338 11.49 14.48 1.52
C PHE A 338 12.40 15.25 2.47
N PRO A 339 13.72 15.30 2.29
CA PRO A 339 14.47 16.14 3.24
C PRO A 339 14.05 17.59 3.13
N ALA A 340 13.81 18.08 1.91
CA ALA A 340 13.33 19.46 1.74
C ALA A 340 11.96 19.67 2.38
N THR A 341 11.05 18.70 2.21
CA THR A 341 9.75 18.84 2.87
C THR A 341 9.92 18.91 4.38
N CYS A 342 10.74 18.02 4.94
CA CYS A 342 10.99 18.01 6.38
C CYS A 342 11.59 19.34 6.83
N LEU A 343 12.45 19.91 6.00
CA LEU A 343 13.03 21.22 6.30
C LEU A 343 11.97 22.32 6.31
N GLN A 344 11.02 22.27 5.36
CA GLN A 344 9.91 23.22 5.36
C GLN A 344 9.06 23.07 6.62
N PHE A 345 8.75 21.84 7.00
CA PHE A 345 7.80 21.66 8.10
C PHE A 345 8.42 22.06 9.44
N TYR A 346 9.63 21.58 9.73
CA TYR A 346 10.18 21.71 11.09
C TYR A 346 11.40 22.59 11.19
N GLY A 347 11.95 23.07 10.08
CA GLY A 347 13.09 23.96 10.17
C GLY A 347 14.41 23.22 10.19
N PRO A 348 15.52 23.96 10.07
CA PRO A 348 16.81 23.32 9.85
C PRO A 348 17.57 23.03 11.13
N THR A 349 17.23 23.71 12.24
CA THR A 349 18.03 23.50 13.44
C THR A 349 18.00 22.04 13.89
N ALA A 350 16.83 21.39 13.84
CA ALA A 350 16.71 19.98 14.22
C ALA A 350 16.76 19.03 13.02
N GLN A 351 17.26 19.50 11.87
CA GLN A 351 17.11 18.69 10.67
C GLN A 351 17.94 17.41 10.75
N GLY A 352 19.12 17.45 11.39
CA GLY A 352 19.86 16.21 11.58
C GLY A 352 19.01 15.14 12.22
N SER A 353 18.42 15.45 13.39
CA SER A 353 17.54 14.50 14.07
C SER A 353 16.26 14.21 13.26
N ASN A 354 15.55 15.26 12.83
CA ASN A 354 14.27 15.04 12.15
C ASN A 354 14.43 14.16 10.92
N TYR A 355 15.32 14.54 10.01
CA TYR A 355 15.45 13.75 8.79
C TYR A 355 16.12 12.40 9.05
N GLY A 356 17.07 12.29 9.98
CA GLY A 356 17.66 10.99 10.25
C GLY A 356 16.63 9.97 10.68
N LEU A 357 15.77 10.35 11.63
CA LEU A 357 14.65 9.48 11.98
C LEU A 357 13.81 9.18 10.75
N LEU A 358 13.50 10.19 9.94
CA LEU A 358 12.65 9.95 8.77
C LEU A 358 13.30 8.96 7.79
N PHE A 359 14.63 8.99 7.67
CA PHE A 359 15.26 8.16 6.64
C PHE A 359 15.20 6.67 6.98
N THR A 360 15.02 6.31 8.25
CA THR A 360 14.92 4.90 8.62
C THR A 360 13.81 4.17 7.87
N ALA A 361 12.74 4.88 7.50
CA ALA A 361 11.74 4.25 6.64
C ALA A 361 12.44 3.67 5.43
N CYS A 362 13.33 4.46 4.89
CA CYS A 362 14.06 4.07 3.68
C CYS A 362 15.03 2.94 4.01
N GLY A 363 15.55 2.91 5.23
CA GLY A 363 16.37 1.76 5.60
C GLY A 363 15.58 0.47 5.55
N LEU A 364 14.37 0.49 6.10
CA LEU A 364 13.52 -0.69 6.09
C LEU A 364 13.13 -1.09 4.67
N ALA A 365 12.66 -0.13 3.87
CA ALA A 365 12.29 -0.48 2.50
C ALA A 365 13.48 -1.08 1.79
N GLY A 366 14.66 -0.50 1.95
CA GLY A 366 15.82 -1.06 1.29
C GLY A 366 16.07 -2.49 1.72
N PHE A 367 15.73 -2.82 2.95
CA PHE A 367 15.92 -4.20 3.39
C PHE A 367 14.96 -5.17 2.72
N ALA A 368 13.67 -4.84 2.72
CA ALA A 368 12.66 -5.85 2.38
C ALA A 368 12.15 -5.76 0.96
N GLY A 369 12.04 -4.55 0.40
CA GLY A 369 11.38 -4.34 -0.87
C GLY A 369 11.85 -5.23 -2.01
N PRO A 370 13.17 -5.28 -2.25
CA PRO A 370 13.62 -6.09 -3.40
C PRO A 370 13.27 -7.55 -3.20
N TRP A 371 13.43 -8.04 -1.98
CA TRP A 371 13.07 -9.42 -1.71
C TRP A 371 11.59 -9.65 -2.02
N VAL A 372 10.72 -8.81 -1.49
CA VAL A 372 9.27 -8.98 -1.67
C VAL A 372 8.91 -8.97 -3.15
N GLY A 373 9.48 -8.05 -3.93
CA GLY A 373 9.19 -8.04 -5.35
C GLY A 373 9.56 -9.35 -6.03
N GLY A 374 10.75 -9.85 -5.71
CA GLY A 374 11.16 -11.14 -6.26
C GLY A 374 10.20 -12.25 -5.86
N TRP A 375 9.77 -12.23 -4.60
CA TRP A 375 8.87 -13.27 -4.11
C TRP A 375 7.53 -13.21 -4.83
N LEU A 376 6.96 -12.01 -5.00
CA LEU A 376 5.68 -11.90 -5.68
C LEU A 376 5.77 -12.39 -7.12
N LYS A 377 6.82 -11.96 -7.84
CA LYS A 377 6.96 -12.43 -9.20
C LYS A 377 7.06 -13.94 -9.24
N ASP A 378 8.01 -14.51 -8.48
CA ASP A 378 8.23 -15.96 -8.50
C ASP A 378 6.99 -16.71 -8.05
N THR A 379 6.29 -16.18 -7.03
CA THR A 379 5.04 -16.76 -6.55
C THR A 379 4.04 -16.89 -7.69
N THR A 380 3.80 -15.81 -8.42
CA THR A 380 2.82 -15.86 -9.50
C THR A 380 3.44 -16.22 -10.84
N GLY A 381 4.76 -16.20 -10.95
CA GLY A 381 5.41 -16.33 -12.24
C GLY A 381 5.23 -15.15 -13.16
N THR A 382 4.53 -14.11 -12.74
CA THR A 382 4.24 -13.00 -13.63
C THR A 382 4.51 -11.68 -12.92
N TYR A 383 4.69 -10.63 -13.73
CA TYR A 383 5.05 -9.30 -13.29
C TYR A 383 3.87 -8.47 -12.80
N TYR A 384 2.64 -8.91 -13.08
CA TYR A 384 1.47 -8.13 -12.68
C TYR A 384 1.48 -7.84 -11.19
N LEU A 385 1.74 -8.85 -10.37
CA LEU A 385 1.62 -8.64 -8.93
C LEU A 385 2.58 -7.58 -8.42
N PRO A 386 3.89 -7.69 -8.64
CA PRO A 386 4.77 -6.67 -8.05
C PRO A 386 4.50 -5.29 -8.61
N PHE A 387 4.28 -5.17 -9.91
CA PHE A 387 4.06 -3.83 -10.43
C PHE A 387 2.75 -3.25 -9.90
N LEU A 388 1.72 -4.07 -9.75
CA LEU A 388 0.46 -3.54 -9.25
C LEU A 388 0.60 -3.12 -7.79
N CYS A 389 1.30 -3.94 -6.99
CA CYS A 389 1.54 -3.53 -5.60
C CYS A 389 2.33 -2.24 -5.53
N ALA A 390 3.37 -2.11 -6.37
CA ALA A 390 4.15 -0.88 -6.38
C ALA A 390 3.27 0.30 -6.78
N ALA A 391 2.37 0.07 -7.75
CA ALA A 391 1.49 1.15 -8.15
C ALA A 391 0.62 1.61 -6.99
N ALA A 392 0.06 0.65 -6.25
CA ALA A 392 -0.78 1.01 -5.10
C ALA A 392 0.01 1.76 -4.06
N LEU A 393 1.21 1.29 -3.74
CA LEU A 393 2.04 2.02 -2.79
C LEU A 393 2.24 3.46 -3.26
N CYS A 394 2.57 3.64 -4.54
CA CYS A 394 2.77 5.00 -5.01
C CYS A 394 1.48 5.81 -4.96
N ALA A 395 0.33 5.16 -5.17
CA ALA A 395 -0.94 5.86 -5.10
C ALA A 395 -1.18 6.39 -3.70
N LEU A 396 -1.02 5.53 -2.71
CA LEU A 396 -1.11 6.00 -1.32
C LEU A 396 -0.14 7.13 -1.08
N GLY A 397 1.08 7.01 -1.59
CA GLY A 397 2.05 8.07 -1.35
C GLY A 397 1.60 9.37 -1.96
N THR A 398 1.11 9.31 -3.20
CA THR A 398 0.55 10.47 -3.85
C THR A 398 -0.48 11.12 -2.94
N ALA A 399 -1.38 10.30 -2.41
CA ALA A 399 -2.42 10.81 -1.54
C ALA A 399 -1.84 11.51 -0.33
N ILE A 400 -0.93 10.84 0.36
CA ILE A 400 -0.36 11.43 1.58
C ILE A 400 0.34 12.74 1.24
N VAL A 401 1.20 12.72 0.23
CA VAL A 401 2.05 13.88 -0.04
C VAL A 401 1.20 15.07 -0.46
N PHE A 402 0.16 14.82 -1.25
CA PHE A 402 -0.70 15.91 -1.69
C PHE A 402 -1.51 16.45 -0.52
N MET A 403 -2.04 15.57 0.31
CA MET A 403 -2.96 16.00 1.34
C MET A 403 -2.25 16.69 2.50
N THR A 404 -0.94 16.49 2.67
CA THR A 404 -0.25 16.92 3.89
C THR A 404 0.35 18.31 3.73
N LYS A 405 -0.23 19.29 4.41
CA LYS A 405 0.29 20.64 4.43
C LYS A 405 1.08 20.91 5.72
N PRO A 406 2.01 21.87 5.70
CA PRO A 406 2.90 22.02 6.86
C PRO A 406 2.14 22.31 8.12
N PRO A 407 2.71 21.97 9.28
CA PRO A 407 2.10 22.35 10.55
C PRO A 407 2.27 23.85 10.82
N GLU A 408 1.61 24.31 11.89
CA GLU A 408 1.72 25.72 12.27
C GLU A 408 3.12 26.00 12.81
N LYS A 409 3.68 27.15 12.41
CA LYS A 409 4.97 27.56 12.91
C LYS A 409 4.92 27.72 14.43
N LYS A 410 5.96 27.24 15.12
CA LYS A 410 5.96 27.26 16.57
C LYS A 410 6.24 28.65 17.11
N HIS A 411 5.43 29.06 18.09
CA HIS A 411 5.58 30.30 18.84
C HIS A 411 6.69 30.08 19.87
N ALA A 412 7.64 31.01 19.97
CA ALA A 412 8.69 30.89 20.99
C ALA A 412 8.44 31.88 22.11
N LEU A 413 7.36 31.64 22.87
CA LEU A 413 6.94 32.59 23.89
C LEU A 413 8.10 32.96 24.81
N GLU A 414 9.07 32.07 24.96
CA GLU A 414 10.14 32.37 25.90
C GLU A 414 11.11 33.39 25.34
N LEU A 415 11.22 33.50 24.01
CA LEU A 415 11.90 34.63 23.40
C LEU A 415 10.96 35.79 23.16
N GLU A 416 9.68 35.49 23.01
CA GLU A 416 8.70 36.54 22.83
C GLU A 416 8.65 37.47 24.04
N VAL A 417 8.83 36.93 25.24
CA VAL A 417 8.68 37.75 26.44
C VAL A 417 9.82 38.74 26.61
N LEU A 418 10.88 38.64 25.81
CA LEU A 418 12.02 39.53 26.01
C LEU A 418 11.73 40.97 25.58
N PHE A 419 10.68 41.18 24.78
CA PHE A 419 10.28 42.52 24.36
C PHE A 419 9.49 43.17 25.51
N GLN A 420 10.25 43.58 26.53
CA GLN A 420 9.77 44.34 27.69
C GLN A 420 8.47 43.85 28.36
N TRP B 11 -42.33 -2.83 -8.84
CA TRP B 11 -41.64 -2.58 -7.57
C TRP B 11 -41.56 -3.83 -6.72
N VAL B 12 -42.37 -4.82 -7.09
CA VAL B 12 -42.32 -6.12 -6.41
C VAL B 12 -40.93 -6.72 -6.44
N PRO B 13 -40.20 -6.75 -7.57
CA PRO B 13 -38.83 -7.27 -7.54
C PRO B 13 -37.98 -6.60 -6.48
N LEU B 14 -38.26 -5.36 -6.10
CA LEU B 14 -37.50 -4.77 -5.00
C LEU B 14 -37.70 -5.57 -3.72
N LEU B 15 -38.95 -5.92 -3.42
CA LEU B 15 -39.18 -6.73 -2.23
C LEU B 15 -38.58 -8.12 -2.39
N LEU B 16 -38.67 -8.70 -3.60
CA LEU B 16 -38.08 -10.02 -3.85
C LEU B 16 -36.59 -10.01 -3.57
N GLY B 17 -35.89 -9.00 -4.10
CA GLY B 17 -34.46 -8.89 -3.89
C GLY B 17 -34.14 -8.64 -2.44
N LEU B 18 -34.99 -7.89 -1.73
CA LEU B 18 -34.80 -7.74 -0.29
C LEU B 18 -34.82 -9.10 0.41
N LEU B 19 -35.85 -9.93 0.14
CA LEU B 19 -35.89 -11.26 0.75
C LEU B 19 -34.66 -12.10 0.40
N GLY B 20 -34.31 -12.15 -0.88
CA GLY B 20 -33.18 -12.96 -1.28
C GLY B 20 -31.88 -12.52 -0.63
N SER B 21 -31.61 -11.21 -0.64
CA SER B 21 -30.38 -10.72 -0.06
C SER B 21 -30.35 -10.94 1.45
N THR B 22 -31.50 -10.87 2.12
CA THR B 22 -31.51 -11.14 3.56
C THR B 22 -31.19 -12.60 3.84
N THR B 23 -31.74 -13.50 3.03
CA THR B 23 -31.32 -14.90 3.11
C THR B 23 -29.80 -15.02 2.96
N CYS B 24 -29.22 -14.34 1.96
CA CYS B 24 -27.78 -14.43 1.75
C CYS B 24 -26.97 -13.84 2.90
N GLY B 25 -27.47 -12.76 3.49
CA GLY B 25 -26.79 -12.18 4.64
C GLY B 25 -26.82 -13.11 5.84
N MET B 26 -27.97 -13.76 6.08
CA MET B 26 -28.06 -14.77 7.13
C MET B 26 -27.11 -15.93 6.84
N LEU B 27 -26.99 -16.31 5.57
CA LEU B 27 -26.08 -17.37 5.20
C LEU B 27 -24.64 -17.00 5.53
N LEU B 28 -24.20 -15.82 5.06
CA LEU B 28 -22.80 -15.46 5.25
C LEU B 28 -22.48 -15.12 6.70
N TYR B 29 -23.48 -14.72 7.48
CA TYR B 29 -23.23 -14.45 8.89
C TYR B 29 -23.35 -15.70 9.77
N ALA B 30 -24.04 -16.76 9.29
CA ALA B 30 -24.40 -17.86 10.17
C ALA B 30 -23.20 -18.51 10.83
N TRP B 31 -22.10 -18.67 10.10
CA TRP B 31 -20.98 -19.47 10.59
C TRP B 31 -20.42 -18.93 11.91
N SER B 32 -20.53 -17.62 12.14
CA SER B 32 -19.98 -17.03 13.35
C SER B 32 -20.69 -17.53 14.60
N VAL B 33 -22.00 -17.77 14.52
CA VAL B 33 -22.72 -18.23 15.70
C VAL B 33 -22.30 -19.63 16.11
N PHE B 34 -21.66 -20.37 15.22
CA PHE B 34 -21.31 -21.75 15.50
C PHE B 34 -19.95 -21.90 16.13
N ILE B 35 -19.19 -20.81 16.23
CA ILE B 35 -17.84 -20.89 16.76
C ILE B 35 -17.86 -21.54 18.14
N LYS B 36 -18.53 -20.89 19.10
CA LYS B 36 -18.54 -21.44 20.45
C LYS B 36 -19.25 -22.80 20.52
N PRO B 37 -20.39 -23.02 19.88
CA PRO B 37 -20.98 -24.36 19.94
C PRO B 37 -20.08 -25.45 19.38
N LEU B 38 -19.47 -25.23 18.21
CA LEU B 38 -18.63 -26.26 17.61
C LEU B 38 -17.32 -26.44 18.39
N ASN B 39 -16.75 -25.36 18.95
CA ASN B 39 -15.56 -25.58 19.75
C ASN B 39 -15.89 -26.35 21.02
N ALA B 40 -16.99 -25.99 21.68
CA ALA B 40 -17.41 -26.70 22.88
C ALA B 40 -17.64 -28.18 22.57
N GLU B 41 -18.22 -28.46 21.39
CA GLU B 41 -18.45 -29.84 20.97
C GLU B 41 -17.15 -30.52 20.54
N PHE B 42 -16.20 -29.78 19.98
CA PHE B 42 -14.91 -30.32 19.50
C PHE B 42 -13.72 -29.68 20.21
N SER B 45 -11.16 -25.20 17.00
CA SER B 45 -10.40 -24.00 16.65
C SER B 45 -11.20 -22.97 15.87
N ARG B 46 -10.96 -21.69 16.15
CA ARG B 46 -11.70 -20.64 15.45
C ARG B 46 -11.31 -20.60 13.98
N ALA B 47 -10.02 -20.74 13.69
CA ALA B 47 -9.58 -20.72 12.30
C ALA B 47 -10.16 -21.88 11.51
N GLU B 48 -10.24 -23.07 12.12
CA GLU B 48 -10.80 -24.23 11.44
C GLU B 48 -12.26 -23.97 11.05
N ILE B 49 -13.02 -23.42 11.98
CA ILE B 49 -14.43 -23.10 11.79
C ILE B 49 -14.59 -22.04 10.70
N ALA B 50 -13.75 -21.01 10.75
CA ALA B 50 -13.80 -19.92 9.78
C ALA B 50 -13.39 -20.39 8.38
N MET B 51 -12.59 -21.45 8.30
CA MET B 51 -12.26 -21.97 6.98
C MET B 51 -13.55 -22.29 6.23
N ALA B 52 -14.59 -22.68 6.96
CA ALA B 52 -15.89 -22.92 6.34
C ALA B 52 -16.40 -21.66 5.68
N PHE B 53 -16.25 -20.53 6.37
CA PHE B 53 -16.69 -19.25 5.84
C PHE B 53 -15.88 -18.86 4.61
N ALA B 54 -14.56 -19.11 4.66
CA ALA B 54 -13.74 -18.75 3.50
C ALA B 54 -14.16 -19.56 2.27
N ILE B 55 -14.35 -20.87 2.45
CA ILE B 55 -14.85 -21.69 1.36
C ILE B 55 -16.19 -21.16 0.87
N CYS B 56 -17.05 -20.74 1.81
CA CYS B 56 -18.37 -20.21 1.46
C CYS B 56 -18.25 -19.00 0.56
N CYS B 57 -17.38 -18.07 0.92
CA CYS B 57 -17.21 -16.86 0.13
C CYS B 57 -16.67 -17.18 -1.26
N LEU B 58 -15.64 -18.03 -1.33
CA LEU B 58 -15.05 -18.32 -2.63
C LEU B 58 -16.10 -18.92 -3.56
N ILE B 59 -16.82 -19.93 -3.08
CA ILE B 59 -17.83 -20.58 -3.91
C ILE B 59 -18.94 -19.61 -4.27
N PHE B 60 -19.45 -18.86 -3.29
CA PHE B 60 -20.46 -17.84 -3.51
C PHE B 60 -20.08 -16.91 -4.65
N GLY B 61 -18.95 -16.23 -4.48
CA GLY B 61 -18.52 -15.23 -5.44
C GLY B 61 -18.24 -15.81 -6.80
N LEU B 62 -17.77 -17.06 -6.84
CA LEU B 62 -17.52 -17.63 -8.15
C LEU B 62 -18.83 -18.00 -8.82
N MET B 63 -19.71 -18.69 -8.09
CA MET B 63 -20.97 -19.16 -8.64
C MET B 63 -21.86 -18.02 -9.09
N THR B 64 -21.58 -16.79 -8.67
CA THR B 64 -22.33 -15.67 -9.26
C THR B 64 -22.23 -15.70 -10.78
N PHE B 65 -21.02 -15.90 -11.30
CA PHE B 65 -20.80 -15.87 -12.75
C PHE B 65 -21.69 -16.86 -13.49
N PRO B 66 -21.61 -18.17 -13.24
CA PRO B 66 -22.55 -19.09 -13.91
C PRO B 66 -23.98 -18.71 -13.62
N ALA B 67 -24.28 -18.25 -12.41
CA ALA B 67 -25.63 -17.80 -12.10
C ALA B 67 -26.05 -16.68 -13.02
N GLY B 68 -25.13 -15.74 -13.31
CA GLY B 68 -25.47 -14.66 -14.21
C GLY B 68 -25.75 -15.15 -15.62
N ARG B 69 -24.89 -16.02 -16.13
CA ARG B 69 -25.14 -16.54 -17.48
C ARG B 69 -26.45 -17.31 -17.55
N LEU B 70 -26.71 -18.16 -16.56
CA LEU B 70 -27.92 -18.98 -16.57
C LEU B 70 -29.18 -18.13 -16.35
N SER B 71 -29.10 -17.08 -15.52
CA SER B 71 -30.23 -16.17 -15.38
C SER B 71 -30.50 -15.42 -16.68
N ASP B 72 -29.43 -14.98 -17.35
CA ASP B 72 -29.63 -14.25 -18.60
C ASP B 72 -30.22 -15.13 -19.69
N LYS B 73 -29.80 -16.39 -19.76
CA LYS B 73 -30.28 -17.26 -20.83
C LYS B 73 -31.62 -17.95 -20.51
N MET B 74 -31.71 -18.66 -19.38
CA MET B 74 -32.92 -19.44 -19.06
C MET B 74 -33.77 -18.75 -18.00
N GLY B 75 -33.66 -17.44 -17.84
CA GLY B 75 -34.46 -16.70 -16.89
C GLY B 75 -33.85 -16.76 -15.50
N PRO B 76 -34.18 -15.77 -14.67
CA PRO B 76 -33.58 -15.72 -13.33
C PRO B 76 -34.28 -16.61 -12.34
N ARG B 77 -35.54 -16.95 -12.59
CA ARG B 77 -36.33 -17.73 -11.65
C ARG B 77 -35.71 -19.11 -11.40
N LYS B 78 -35.46 -19.88 -12.47
CA LYS B 78 -34.87 -21.20 -12.31
C LYS B 78 -33.55 -21.12 -11.55
N VAL B 79 -32.75 -20.10 -11.85
CA VAL B 79 -31.44 -19.98 -11.21
C VAL B 79 -31.59 -19.72 -9.72
N VAL B 80 -32.44 -18.75 -9.37
CA VAL B 80 -32.66 -18.41 -7.96
C VAL B 80 -33.26 -19.57 -7.19
N MET B 81 -34.18 -20.30 -7.80
CA MET B 81 -34.84 -21.37 -7.08
C MET B 81 -33.91 -22.59 -6.95
N THR B 82 -33.12 -22.86 -7.98
CA THR B 82 -32.03 -23.84 -7.87
C THR B 82 -31.11 -23.47 -6.71
N GLY B 83 -30.74 -22.19 -6.63
CA GLY B 83 -29.89 -21.77 -5.53
C GLY B 83 -30.55 -21.96 -4.18
N GLY B 84 -31.85 -21.65 -4.09
CA GLY B 84 -32.55 -21.80 -2.82
C GLY B 84 -32.61 -23.25 -2.35
N VAL B 85 -32.90 -24.17 -3.26
CA VAL B 85 -32.91 -25.58 -2.90
C VAL B 85 -31.52 -26.03 -2.45
N LEU B 86 -30.49 -25.63 -3.21
CA LEU B 86 -29.13 -26.00 -2.86
C LEU B 86 -28.77 -25.51 -1.47
N LEU B 87 -29.18 -24.28 -1.15
CA LEU B 87 -28.87 -23.69 0.14
C LEU B 87 -29.59 -24.43 1.27
N ALA B 88 -30.90 -24.69 1.11
CA ALA B 88 -31.64 -25.42 2.13
C ALA B 88 -31.00 -26.77 2.40
N ILE B 89 -30.62 -27.48 1.33
CA ILE B 89 -29.89 -28.74 1.48
C ILE B 89 -28.62 -28.52 2.29
N GLY B 90 -27.86 -27.47 1.96
CA GLY B 90 -26.59 -27.27 2.63
C GLY B 90 -26.72 -27.08 4.13
N PHE B 91 -27.60 -26.17 4.54
CA PHE B 91 -27.89 -25.95 5.96
C PHE B 91 -28.39 -27.19 6.70
N ILE B 92 -29.27 -27.92 6.05
CA ILE B 92 -29.87 -29.08 6.67
C ILE B 92 -28.84 -30.20 6.80
N LEU B 93 -27.96 -30.35 5.81
CA LEU B 93 -26.88 -31.33 5.91
C LEU B 93 -25.81 -30.90 6.90
N SER B 94 -25.57 -29.59 7.00
CA SER B 94 -24.62 -29.08 7.99
C SER B 94 -25.06 -29.46 9.39
N GLY B 95 -26.38 -29.51 9.63
CA GLY B 95 -26.84 -29.98 10.93
C GLY B 95 -26.35 -31.38 11.27
N PHE B 96 -26.14 -32.22 10.26
CA PHE B 96 -25.74 -33.61 10.50
C PHE B 96 -24.25 -33.84 10.43
N ILE B 97 -23.43 -32.80 10.38
CA ILE B 97 -21.99 -33.03 10.19
C ILE B 97 -21.38 -33.65 11.44
N GLN B 98 -20.24 -34.34 11.23
CA GLN B 98 -19.47 -34.88 12.35
C GLN B 98 -17.96 -34.62 12.27
N SER B 99 -17.46 -33.92 11.26
CA SER B 99 -16.04 -33.64 11.15
C SER B 99 -15.83 -32.26 10.54
N LYS B 100 -14.56 -31.82 10.55
CA LYS B 100 -14.22 -30.53 9.98
C LYS B 100 -14.53 -30.50 8.48
N TYR B 101 -14.06 -31.52 7.76
CA TYR B 101 -14.30 -31.57 6.32
C TYR B 101 -15.79 -31.70 6.03
N GLN B 102 -16.52 -32.42 6.89
CA GLN B 102 -17.97 -32.53 6.70
C GLN B 102 -18.59 -31.15 6.57
N LEU B 103 -18.28 -30.26 7.52
CA LEU B 103 -18.83 -28.91 7.48
C LEU B 103 -18.30 -28.12 6.29
N TYR B 104 -16.99 -28.21 6.01
CA TYR B 104 -16.49 -27.53 4.83
C TYR B 104 -17.34 -27.85 3.61
N ILE B 105 -17.73 -29.12 3.48
CA ILE B 105 -18.53 -29.52 2.32
C ILE B 105 -19.93 -28.94 2.43
N THR B 106 -20.62 -29.29 3.52
CA THR B 106 -22.03 -28.94 3.65
C THR B 106 -22.25 -27.44 3.56
N TYR B 107 -21.52 -26.66 4.38
CA TYR B 107 -21.66 -25.22 4.43
C TYR B 107 -20.90 -24.54 3.32
N GLY B 108 -19.61 -24.86 3.18
CA GLY B 108 -18.79 -24.11 2.23
C GLY B 108 -19.26 -24.25 0.79
N VAL B 109 -19.55 -25.47 0.36
CA VAL B 109 -19.81 -25.68 -1.07
C VAL B 109 -21.29 -25.71 -1.39
N ILE B 110 -22.01 -26.65 -0.75
CA ILE B 110 -23.42 -26.85 -1.06
C ILE B 110 -24.18 -25.54 -0.85
N ALA B 111 -23.93 -24.88 0.28
CA ALA B 111 -24.62 -23.65 0.60
C ALA B 111 -24.05 -22.46 -0.16
N GLY B 112 -22.72 -22.38 -0.32
CA GLY B 112 -22.13 -21.27 -1.06
C GLY B 112 -22.57 -21.24 -2.52
N PHE B 113 -22.64 -22.42 -3.13
CA PHE B 113 -23.13 -22.55 -4.51
C PHE B 113 -24.52 -21.95 -4.64
N GLY B 114 -25.45 -22.45 -3.81
CA GLY B 114 -26.80 -21.92 -3.83
C GLY B 114 -26.84 -20.45 -3.50
N GLY B 115 -25.98 -20.00 -2.60
CA GLY B 115 -26.00 -18.60 -2.21
C GLY B 115 -25.66 -17.70 -3.39
N GLY B 116 -24.61 -18.06 -4.14
CA GLY B 116 -24.27 -17.26 -5.31
C GLY B 116 -25.39 -17.23 -6.33
N MET B 117 -26.02 -18.40 -6.56
CA MET B 117 -27.13 -18.48 -7.50
C MET B 117 -28.34 -17.68 -7.04
N ILE B 118 -28.47 -17.46 -5.73
CA ILE B 118 -29.52 -16.59 -5.19
C ILE B 118 -29.14 -15.12 -5.33
N TYR B 119 -27.87 -14.80 -5.08
CA TYR B 119 -27.45 -13.40 -4.98
C TYR B 119 -27.53 -12.70 -6.32
N LEU B 120 -27.01 -13.35 -7.38
CA LEU B 120 -26.78 -12.55 -8.58
C LEU B 120 -28.03 -12.23 -9.41
N PRO B 121 -28.86 -13.22 -9.76
CA PRO B 121 -29.98 -12.95 -10.70
C PRO B 121 -30.89 -11.83 -10.23
N PRO B 122 -31.16 -11.67 -8.93
CA PRO B 122 -31.95 -10.50 -8.53
C PRO B 122 -31.22 -9.19 -8.72
N ILE B 123 -29.91 -9.15 -8.45
CA ILE B 123 -29.12 -7.96 -8.76
C ILE B 123 -29.27 -7.58 -10.23
N ALA B 124 -29.31 -8.58 -11.11
CA ALA B 124 -29.49 -8.26 -12.53
C ALA B 124 -30.92 -7.86 -12.86
N THR B 125 -31.90 -8.46 -12.18
CA THR B 125 -33.31 -8.32 -12.56
C THR B 125 -33.96 -7.07 -11.97
N ALA B 126 -33.72 -6.78 -10.69
CA ALA B 126 -34.42 -5.67 -10.02
C ALA B 126 -34.27 -4.33 -10.72
N PRO B 127 -33.06 -3.89 -11.14
CA PRO B 127 -32.97 -2.61 -11.86
C PRO B 127 -33.74 -2.57 -13.17
N LYS B 128 -33.91 -3.72 -13.84
CA LYS B 128 -34.58 -3.75 -15.13
C LYS B 128 -35.97 -3.11 -15.04
N TRP B 129 -36.60 -3.21 -13.88
CA TRP B 129 -37.89 -2.64 -13.57
C TRP B 129 -37.82 -1.18 -13.13
N TRP B 130 -36.63 -0.62 -12.98
CA TRP B 130 -36.44 0.75 -12.51
C TRP B 130 -35.35 1.46 -13.30
N PRO B 131 -35.62 1.84 -14.56
CA PRO B 131 -34.61 2.62 -15.31
C PRO B 131 -34.43 4.02 -14.77
N ASP B 132 -35.44 4.61 -14.13
CA ASP B 132 -35.29 5.93 -13.53
C ASP B 132 -34.39 5.90 -12.29
N ARG B 133 -34.45 4.82 -11.51
CA ARG B 133 -33.64 4.67 -10.29
C ARG B 133 -32.95 3.29 -10.28
N ARG B 134 -31.94 3.13 -11.14
CA ARG B 134 -31.30 1.83 -11.31
C ARG B 134 -30.49 1.44 -10.08
N ALA B 135 -29.71 2.39 -9.55
CA ALA B 135 -28.84 2.10 -8.42
C ALA B 135 -29.64 1.79 -7.16
N LEU B 136 -30.74 2.52 -6.95
CA LEU B 136 -31.60 2.23 -5.80
C LEU B 136 -32.17 0.81 -5.88
N ALA B 137 -32.59 0.39 -7.06
CA ALA B 137 -33.08 -0.99 -7.23
C ALA B 137 -31.97 -1.99 -6.94
N THR B 138 -30.79 -1.78 -7.53
CA THR B 138 -29.64 -2.61 -7.20
C THR B 138 -29.42 -2.64 -5.69
N GLY B 139 -29.55 -1.49 -5.03
CA GLY B 139 -29.40 -1.43 -3.59
C GLY B 139 -30.40 -2.32 -2.88
N PHE B 140 -31.63 -2.36 -3.35
CA PHE B 140 -32.60 -3.27 -2.75
C PHE B 140 -32.24 -4.73 -2.98
N ALA B 141 -31.58 -5.00 -4.11
CA ALA B 141 -31.12 -6.36 -4.36
C ALA B 141 -29.96 -6.75 -3.45
N VAL B 142 -29.17 -5.79 -2.98
CA VAL B 142 -27.97 -6.11 -2.18
C VAL B 142 -28.08 -5.69 -0.72
N VAL B 143 -29.20 -5.10 -0.29
CA VAL B 143 -29.24 -4.55 1.06
C VAL B 143 -29.32 -5.63 2.14
N GLY B 144 -29.86 -6.80 1.80
CA GLY B 144 -30.06 -7.83 2.81
C GLY B 144 -28.79 -8.26 3.52
N LEU B 145 -27.63 -8.12 2.87
CA LEU B 145 -26.41 -8.64 3.46
C LEU B 145 -26.04 -7.91 4.74
N GLY B 146 -26.33 -6.61 4.83
CA GLY B 146 -26.15 -5.91 6.10
C GLY B 146 -27.11 -6.42 7.15
N LEU B 147 -28.36 -6.72 6.74
CA LEU B 147 -29.45 -7.09 7.64
C LEU B 147 -29.29 -8.49 8.20
N GLY B 148 -28.52 -9.35 7.53
CA GLY B 148 -28.47 -10.75 7.94
C GLY B 148 -28.05 -10.91 9.38
N SER B 149 -27.09 -10.11 9.83
CA SER B 149 -26.63 -10.20 11.21
C SER B 149 -27.77 -10.02 12.20
N PHE B 150 -28.62 -9.01 11.96
CA PHE B 150 -29.66 -8.66 12.94
C PHE B 150 -30.65 -9.79 13.11
N LEU B 151 -31.09 -10.38 12.01
CA LEU B 151 -32.05 -11.48 12.09
C LEU B 151 -31.39 -12.74 12.65
N MET B 152 -30.27 -13.12 12.04
CA MET B 152 -29.65 -14.41 12.34
C MET B 152 -29.14 -14.49 13.78
N GLY B 153 -28.55 -13.41 14.31
CA GLY B 153 -27.94 -13.45 15.62
C GLY B 153 -28.91 -13.80 16.73
N PRO B 154 -30.00 -13.05 16.86
CA PRO B 154 -31.05 -13.43 17.83
C PRO B 154 -31.61 -14.81 17.58
N LEU B 155 -31.83 -15.18 16.32
CA LEU B 155 -32.43 -16.47 16.02
C LEU B 155 -31.53 -17.61 16.47
N ALA B 156 -30.27 -17.57 16.06
CA ALA B 156 -29.33 -18.60 16.46
C ALA B 156 -29.10 -18.60 17.97
N THR B 157 -28.98 -17.41 18.58
CA THR B 157 -28.77 -17.36 20.03
C THR B 157 -29.95 -17.97 20.78
N TYR B 158 -31.18 -17.63 20.38
CA TYR B 158 -32.33 -18.24 21.03
C TYR B 158 -32.33 -19.76 20.85
N ILE B 159 -31.93 -20.25 19.67
CA ILE B 159 -32.02 -21.69 19.45
C ILE B 159 -31.00 -22.44 20.32
N ILE B 160 -29.77 -21.92 20.42
CA ILE B 160 -28.74 -22.62 21.16
C ILE B 160 -29.01 -22.53 22.67
N GLY B 166 -29.99 -27.34 20.86
CA GLY B 166 -28.60 -26.97 20.64
C GLY B 166 -28.36 -26.14 19.39
N TRP B 167 -27.21 -26.35 18.74
CA TRP B 167 -26.86 -25.64 17.50
C TRP B 167 -27.38 -26.35 16.26
N ARG B 168 -27.43 -27.68 16.27
CA ARG B 168 -27.96 -28.38 15.11
C ARG B 168 -29.40 -27.93 14.83
N TYR B 169 -30.16 -27.62 15.88
CA TYR B 169 -31.48 -27.02 15.71
C TYR B 169 -31.39 -25.71 14.93
N VAL B 170 -30.35 -24.90 15.21
CA VAL B 170 -30.16 -23.68 14.44
C VAL B 170 -30.02 -24.01 12.97
N PHE B 171 -29.13 -24.95 12.65
CA PHE B 171 -28.89 -25.32 11.25
C PHE B 171 -30.19 -25.75 10.57
N TRP B 172 -30.91 -26.70 11.17
CA TRP B 172 -32.09 -27.24 10.52
C TRP B 172 -33.16 -26.18 10.32
N TYR B 173 -33.54 -25.49 11.41
CA TYR B 173 -34.64 -24.55 11.35
C TYR B 173 -34.32 -23.39 10.43
N CYS B 174 -33.12 -22.84 10.55
CA CYS B 174 -32.77 -21.74 9.67
C CYS B 174 -32.67 -22.20 8.23
N GLY B 175 -32.09 -23.37 7.98
CA GLY B 175 -32.01 -23.86 6.60
C GLY B 175 -33.37 -23.95 5.97
N VAL B 176 -34.33 -24.45 6.72
CA VAL B 176 -35.69 -24.53 6.23
C VAL B 176 -36.23 -23.14 5.92
N ALA B 177 -36.19 -22.24 6.92
CA ALA B 177 -36.81 -20.94 6.76
C ALA B 177 -36.17 -20.16 5.61
N MET B 178 -34.85 -20.22 5.52
CA MET B 178 -34.15 -19.50 4.47
C MET B 178 -34.45 -20.10 3.11
N GLY B 179 -34.49 -21.44 3.00
CA GLY B 179 -34.86 -22.04 1.73
C GLY B 179 -36.24 -21.59 1.30
N ILE B 180 -37.15 -21.44 2.27
CA ILE B 180 -38.48 -20.94 1.98
C ILE B 180 -38.41 -19.54 1.41
N MET B 181 -37.68 -18.66 2.08
CA MET B 181 -37.58 -17.27 1.63
C MET B 181 -36.98 -17.18 0.24
N ALA B 182 -35.96 -17.99 -0.04
CA ALA B 182 -35.29 -17.94 -1.34
C ALA B 182 -36.19 -18.47 -2.43
N LEU B 183 -36.95 -19.53 -2.13
CA LEU B 183 -37.91 -20.04 -3.10
C LEU B 183 -39.01 -19.02 -3.34
N ILE B 184 -39.40 -18.27 -2.30
CA ILE B 184 -40.37 -17.19 -2.47
C ILE B 184 -39.82 -16.12 -3.39
N ALA B 185 -38.57 -15.71 -3.13
CA ALA B 185 -37.96 -14.65 -3.91
C ALA B 185 -37.80 -15.04 -5.38
N GLY B 186 -37.31 -16.25 -5.66
CA GLY B 186 -37.13 -16.69 -7.02
C GLY B 186 -38.41 -17.06 -7.73
N ALA B 187 -39.44 -17.44 -6.99
CA ALA B 187 -40.70 -17.82 -7.60
C ALA B 187 -41.33 -16.66 -8.36
N PHE B 188 -41.24 -15.45 -7.81
CA PHE B 188 -41.86 -14.27 -8.41
C PHE B 188 -40.88 -13.44 -9.25
N LEU B 189 -39.73 -14.01 -9.61
CA LEU B 189 -38.68 -13.26 -10.27
C LEU B 189 -38.64 -13.54 -11.76
N GLU B 190 -38.70 -12.47 -12.56
CA GLU B 190 -38.56 -12.51 -14.01
C GLU B 190 -38.39 -11.09 -14.53
N PRO B 191 -37.67 -10.89 -15.65
CA PRO B 191 -37.39 -9.56 -16.21
C PRO B 191 -38.62 -8.78 -16.68
N ASP B 218 -27.47 -1.74 -26.11
CA ASP B 218 -26.62 -2.30 -25.06
C ASP B 218 -25.40 -3.04 -25.61
N TRP B 219 -24.54 -3.48 -24.69
CA TRP B 219 -23.33 -4.24 -24.98
C TRP B 219 -23.55 -5.74 -24.78
N THR B 220 -22.81 -6.56 -25.54
CA THR B 220 -22.80 -8.00 -25.31
C THR B 220 -21.83 -8.39 -24.20
N TYR B 221 -22.05 -9.57 -23.62
CA TYR B 221 -21.12 -10.07 -22.60
C TYR B 221 -19.73 -10.25 -23.18
N GLU B 222 -19.64 -10.74 -24.42
CA GLU B 222 -18.32 -10.90 -25.03
C GLU B 222 -17.68 -9.54 -25.28
N GLU B 223 -18.49 -8.53 -25.62
CA GLU B 223 -17.92 -7.20 -25.81
C GLU B 223 -17.53 -6.58 -24.49
N ALA B 224 -18.36 -6.76 -23.45
CA ALA B 224 -18.04 -6.17 -22.15
C ALA B 224 -16.81 -6.83 -21.54
N LYS B 225 -16.75 -8.17 -21.56
CA LYS B 225 -15.61 -8.87 -20.98
C LYS B 225 -14.32 -8.41 -21.62
N GLY B 226 -14.35 -8.15 -22.92
CA GLY B 226 -13.13 -7.71 -23.58
C GLY B 226 -12.77 -6.26 -23.36
N ASP B 227 -13.68 -5.46 -22.81
CA ASP B 227 -13.38 -4.04 -22.66
C ASP B 227 -12.41 -3.85 -21.51
N THR B 228 -11.47 -2.92 -21.69
CA THR B 228 -10.44 -2.65 -20.68
C THR B 228 -11.03 -1.98 -19.45
N LYS B 229 -12.07 -1.17 -19.64
CA LYS B 229 -12.71 -0.50 -18.51
C LYS B 229 -13.36 -1.53 -17.59
N PHE B 230 -13.84 -2.64 -18.15
CA PHE B 230 -14.35 -3.74 -17.33
C PHE B 230 -13.29 -4.24 -16.38
N TRP B 231 -12.06 -4.46 -16.86
CA TRP B 231 -11.04 -5.01 -15.97
C TRP B 231 -10.40 -3.96 -15.07
N LEU B 232 -10.39 -2.69 -15.45
CA LEU B 232 -10.03 -1.69 -14.45
C LEU B 232 -11.04 -1.73 -13.31
N LEU B 233 -12.32 -1.87 -13.66
CA LEU B 233 -13.35 -1.96 -12.64
C LEU B 233 -13.13 -3.21 -11.80
N TYR B 234 -12.80 -4.32 -12.45
CA TYR B 234 -12.55 -5.57 -11.76
C TYR B 234 -11.40 -5.42 -10.78
N LEU B 235 -10.33 -4.76 -11.23
CA LEU B 235 -9.20 -4.53 -10.34
C LEU B 235 -9.60 -3.65 -9.17
N ALA B 236 -10.39 -2.60 -9.43
CA ALA B 236 -10.78 -1.72 -8.33
C ALA B 236 -11.65 -2.46 -7.33
N TYR B 237 -12.59 -3.27 -7.82
CA TYR B 237 -13.47 -4.04 -6.95
C TYR B 237 -12.66 -5.00 -6.08
N PHE B 238 -11.70 -5.69 -6.70
CA PHE B 238 -10.87 -6.59 -5.92
C PHE B 238 -10.13 -5.82 -4.86
N CYS B 239 -9.55 -4.67 -5.22
CA CYS B 239 -8.77 -3.92 -4.26
C CYS B 239 -9.63 -3.49 -3.07
N GLY B 240 -10.79 -2.89 -3.35
CA GLY B 240 -11.61 -2.36 -2.27
C GLY B 240 -12.18 -3.47 -1.40
N SER B 241 -12.74 -4.49 -2.06
CA SER B 241 -13.23 -5.66 -1.36
C SER B 241 -12.14 -6.26 -0.47
N PHE B 242 -10.95 -6.46 -1.02
CA PHE B 242 -9.86 -7.10 -0.28
C PHE B 242 -9.45 -6.24 0.90
N ALA B 243 -9.40 -4.92 0.71
CA ALA B 243 -9.04 -4.03 1.80
C ALA B 243 -10.00 -4.18 2.96
N GLY B 244 -11.28 -4.00 2.68
CA GLY B 244 -12.26 -4.09 3.75
C GLY B 244 -12.15 -5.44 4.42
N LEU B 245 -12.12 -6.50 3.63
CA LEU B 245 -12.12 -7.82 4.24
C LEU B 245 -10.83 -8.09 4.98
N MET B 246 -9.79 -7.35 4.66
CA MET B 246 -8.53 -7.54 5.35
C MET B 246 -8.53 -6.89 6.72
N VAL B 247 -9.25 -5.77 6.89
CA VAL B 247 -9.18 -5.04 8.16
C VAL B 247 -10.45 -5.11 9.00
N ILE B 248 -11.60 -5.41 8.41
CA ILE B 248 -12.84 -5.27 9.15
C ILE B 248 -12.82 -6.14 10.38
N GLY B 249 -12.50 -7.43 10.20
CA GLY B 249 -12.47 -8.37 11.31
C GLY B 249 -11.47 -8.03 12.38
N HIS B 250 -10.51 -7.17 12.05
CA HIS B 250 -9.46 -6.77 12.97
C HIS B 250 -9.72 -5.43 13.67
N LEU B 251 -10.75 -4.69 13.26
CA LEU B 251 -11.08 -3.43 13.94
C LEU B 251 -11.18 -3.58 15.46
N ALA B 252 -11.98 -4.54 15.94
CA ALA B 252 -12.21 -4.60 17.38
C ALA B 252 -10.94 -5.01 18.12
N GLY B 253 -10.16 -5.92 17.57
CA GLY B 253 -8.90 -6.25 18.21
C GLY B 253 -7.98 -5.04 18.26
N PHE B 254 -7.99 -4.24 17.19
CA PHE B 254 -7.19 -3.01 17.18
C PHE B 254 -7.59 -2.12 18.33
N GLY B 255 -8.90 -1.93 18.49
CA GLY B 255 -9.40 -1.16 19.61
C GLY B 255 -8.93 -1.70 20.95
N ARG B 256 -9.14 -3.00 21.20
CA ARG B 256 -8.75 -3.55 22.49
C ARG B 256 -7.25 -3.36 22.73
N ASP B 257 -6.43 -3.65 21.71
CA ASP B 257 -4.99 -3.45 21.84
C ASP B 257 -4.66 -1.99 22.10
N ALA B 258 -5.46 -1.07 21.56
CA ALA B 258 -5.20 0.35 21.79
C ALA B 258 -5.50 0.76 23.21
N GLY B 259 -6.17 -0.08 23.99
CA GLY B 259 -6.43 0.21 25.40
C GLY B 259 -7.89 0.16 25.84
N LEU B 260 -8.85 -0.05 24.96
CA LEU B 260 -10.26 -0.13 25.32
C LEU B 260 -10.59 -1.53 25.85
N THR B 261 -11.71 -1.63 26.57
CA THR B 261 -12.24 -2.93 26.92
C THR B 261 -12.83 -3.63 25.70
N ALA B 262 -12.81 -4.96 25.73
CA ALA B 262 -13.44 -5.74 24.69
C ALA B 262 -14.88 -5.30 24.50
N MET B 263 -15.58 -5.13 25.62
CA MET B 263 -16.95 -4.64 25.58
C MET B 263 -17.03 -3.33 24.83
N ALA B 264 -16.12 -2.41 25.16
CA ALA B 264 -16.17 -1.09 24.53
C ALA B 264 -15.74 -1.13 23.08
N ALA B 265 -14.62 -1.80 22.79
CA ALA B 265 -14.12 -1.84 21.42
C ALA B 265 -15.12 -2.50 20.50
N ALA B 266 -15.68 -3.63 20.95
CA ALA B 266 -16.65 -4.36 20.15
C ALA B 266 -17.92 -3.53 19.97
N GLY B 267 -18.39 -2.88 21.05
CA GLY B 267 -19.48 -1.94 20.89
C GLY B 267 -19.19 -0.93 19.80
N ALA B 268 -18.04 -0.26 19.90
CA ALA B 268 -17.75 0.77 18.91
C ALA B 268 -17.83 0.17 17.52
N VAL B 269 -17.08 -0.92 17.30
CA VAL B 269 -17.01 -1.48 15.96
C VAL B 269 -18.39 -1.90 15.46
N SER B 270 -19.29 -2.26 16.36
CA SER B 270 -20.57 -2.83 15.94
C SER B 270 -21.42 -1.86 15.11
N SER B 271 -21.15 -0.56 15.16
CA SER B 271 -21.90 0.37 14.34
C SER B 271 -21.71 0.11 12.84
N LEU B 272 -20.60 -0.54 12.50
CA LEU B 272 -20.31 -0.79 11.09
C LEU B 272 -21.47 -1.51 10.44
N ALA B 273 -22.16 -2.38 11.18
CA ALA B 273 -23.25 -3.13 10.57
C ALA B 273 -24.36 -2.21 10.09
N PHE B 274 -24.76 -1.24 10.93
CA PHE B 274 -25.80 -0.29 10.54
C PHE B 274 -25.38 0.47 9.31
N SER B 275 -24.14 0.99 9.31
CA SER B 275 -23.73 1.83 8.19
C SER B 275 -23.63 0.99 6.91
N ASN B 276 -23.12 -0.24 7.03
CA ASN B 276 -22.99 -1.15 5.90
C ASN B 276 -24.35 -1.46 5.31
N ALA B 277 -25.37 -1.58 6.15
CA ALA B 277 -26.71 -1.80 5.64
C ALA B 277 -27.23 -0.55 4.93
N ALA B 278 -27.17 0.59 5.62
CA ALA B 278 -27.79 1.80 5.10
C ALA B 278 -27.16 2.26 3.79
N THR B 279 -25.83 2.23 3.70
CA THR B 279 -25.17 2.81 2.53
C THR B 279 -25.66 2.19 1.24
N ARG B 280 -26.06 0.92 1.28
CA ARG B 280 -26.39 0.20 0.06
C ARG B 280 -27.57 0.85 -0.65
N ILE B 281 -28.56 1.34 0.11
CA ILE B 281 -29.70 2.03 -0.49
C ILE B 281 -29.43 3.52 -0.60
N LEU B 282 -28.83 4.12 0.42
CA LEU B 282 -28.63 5.57 0.41
C LEU B 282 -27.68 5.98 -0.71
N SER B 283 -26.51 5.34 -0.80
CA SER B 283 -25.58 5.61 -1.88
C SER B 283 -26.22 5.37 -3.24
N GLY B 284 -27.03 4.31 -3.35
CA GLY B 284 -27.74 4.01 -4.59
C GLY B 284 -28.65 5.12 -5.06
N TRP B 285 -29.55 5.55 -4.17
CA TRP B 285 -30.43 6.67 -4.49
C TRP B 285 -29.63 7.94 -4.78
N PHE B 286 -28.56 8.16 -4.02
CA PHE B 286 -27.75 9.36 -4.20
C PHE B 286 -27.11 9.42 -5.58
N VAL B 287 -26.48 8.32 -6.01
CA VAL B 287 -25.87 8.32 -7.35
C VAL B 287 -26.95 8.33 -8.42
N ASP B 288 -28.11 7.75 -8.14
CA ASP B 288 -29.26 7.93 -9.03
C ASP B 288 -29.48 9.39 -9.28
N LYS B 289 -29.43 10.19 -8.23
CA LYS B 289 -29.70 11.60 -8.41
C LYS B 289 -28.52 12.37 -9.01
N ILE B 290 -27.26 12.01 -8.73
CA ILE B 290 -26.14 12.85 -9.13
C ILE B 290 -25.06 12.13 -9.93
N GLY B 291 -25.23 10.85 -10.26
CA GLY B 291 -24.18 10.13 -10.95
C GLY B 291 -23.27 9.40 -9.98
N ILE B 292 -22.42 8.54 -10.53
CA ILE B 292 -21.64 7.58 -9.74
C ILE B 292 -20.19 8.01 -9.56
N ARG B 293 -19.52 8.44 -10.64
CA ARG B 293 -18.06 8.39 -10.68
C ARG B 293 -17.41 9.13 -9.52
N VAL B 294 -17.81 10.38 -9.32
CA VAL B 294 -17.14 11.19 -8.31
C VAL B 294 -17.48 10.73 -6.91
N TYR B 295 -18.77 10.55 -6.61
CA TYR B 295 -19.15 10.04 -5.29
C TYR B 295 -18.48 8.70 -5.01
N PHE B 296 -18.43 7.82 -6.02
CA PHE B 296 -17.80 6.52 -5.86
C PHE B 296 -16.31 6.69 -5.54
N ALA B 297 -15.62 7.49 -6.35
CA ALA B 297 -14.20 7.73 -6.10
C ALA B 297 -13.99 8.35 -4.73
N ALA B 298 -14.90 9.23 -4.32
CA ALA B 298 -14.73 9.90 -3.04
C ALA B 298 -14.88 8.93 -1.89
N LEU B 299 -15.88 8.04 -1.96
CA LEU B 299 -16.02 7.01 -0.95
C LEU B 299 -14.73 6.18 -0.85
N PHE B 300 -14.13 5.85 -1.99
CA PHE B 300 -12.86 5.11 -1.96
C PHE B 300 -11.78 5.91 -1.24
N ALA B 301 -11.63 7.18 -1.61
CA ALA B 301 -10.67 8.03 -0.93
C ALA B 301 -10.95 8.05 0.56
N LEU B 302 -12.22 8.17 0.92
CA LEU B 302 -12.57 8.28 2.32
C LEU B 302 -12.09 7.03 3.04
N GLN B 303 -12.30 5.86 2.43
CA GLN B 303 -11.86 4.60 3.02
C GLN B 303 -10.34 4.57 3.19
N THR B 304 -9.62 5.10 2.20
CA THR B 304 -8.16 5.19 2.30
C THR B 304 -7.77 5.99 3.54
N ALA B 305 -8.42 7.14 3.69
CA ALA B 305 -8.18 7.95 4.87
C ALA B 305 -8.54 7.19 6.15
N ALA B 306 -9.63 6.42 6.13
CA ALA B 306 -10.04 5.76 7.37
C ALA B 306 -9.00 4.76 7.79
N MET B 307 -8.53 3.94 6.83
CA MET B 307 -7.51 2.94 7.14
C MET B 307 -6.32 3.62 7.77
N ILE B 308 -5.99 4.82 7.31
CA ILE B 308 -4.88 5.52 7.96
C ILE B 308 -5.29 6.09 9.31
N ALA B 309 -6.50 6.65 9.40
CA ALA B 309 -6.82 7.48 10.55
C ALA B 309 -7.07 6.65 11.79
N ILE B 310 -7.41 5.37 11.63
CA ILE B 310 -7.62 4.53 12.81
C ILE B 310 -6.43 4.60 13.75
N PHE B 311 -5.22 4.81 13.21
CA PHE B 311 -4.05 4.90 14.07
C PHE B 311 -4.06 6.14 14.94
N GLN B 312 -4.97 7.07 14.69
CA GLN B 312 -5.13 8.17 15.61
C GLN B 312 -6.46 8.11 16.35
N LEU B 313 -7.51 7.56 15.74
CA LEU B 313 -8.82 7.53 16.37
C LEU B 313 -9.12 6.22 17.09
N GLY B 314 -8.41 5.14 16.80
CA GLY B 314 -8.83 3.83 17.26
C GLY B 314 -8.77 3.62 18.77
N GLY B 315 -8.29 4.58 19.55
CA GLY B 315 -8.16 4.44 20.99
C GLY B 315 -9.27 5.06 21.82
N SER B 316 -10.34 5.52 21.19
CA SER B 316 -11.46 6.08 21.91
C SER B 316 -12.72 5.52 21.28
N VAL B 317 -13.68 5.18 22.14
CA VAL B 317 -14.94 4.59 21.68
C VAL B 317 -15.51 5.39 20.53
N VAL B 318 -15.54 6.70 20.67
CA VAL B 318 -16.15 7.53 19.65
C VAL B 318 -15.34 7.47 18.37
N GLY B 319 -14.02 7.66 18.48
CA GLY B 319 -13.18 7.62 17.30
C GLY B 319 -13.25 6.30 16.58
N LEU B 320 -13.08 5.21 17.32
CA LEU B 320 -13.18 3.88 16.71
C LEU B 320 -14.55 3.67 16.10
N SER B 321 -15.60 4.13 16.78
CA SER B 321 -16.96 4.10 16.23
C SER B 321 -17.03 4.81 14.88
N ILE B 322 -16.49 6.03 14.83
CA ILE B 322 -16.54 6.81 13.61
C ILE B 322 -15.80 6.09 12.51
N VAL B 323 -14.62 5.57 12.84
CA VAL B 323 -13.84 4.83 11.85
C VAL B 323 -14.63 3.64 11.37
N ALA B 324 -15.29 2.93 12.29
CA ALA B 324 -16.07 1.76 11.90
C ALA B 324 -17.23 2.15 11.01
N ILE B 325 -17.88 3.27 11.33
CA ILE B 325 -19.02 3.72 10.55
C ILE B 325 -18.60 4.09 9.15
N VAL B 326 -17.51 4.86 9.03
CA VAL B 326 -17.03 5.24 7.71
C VAL B 326 -16.65 4.01 6.91
N ILE B 327 -15.90 3.10 7.53
CA ILE B 327 -15.46 1.92 6.79
C ILE B 327 -16.66 1.15 6.28
N GLY B 328 -17.63 0.91 7.15
CA GLY B 328 -18.82 0.20 6.71
C GLY B 328 -19.48 0.93 5.55
N TRP B 329 -19.55 2.26 5.64
CA TRP B 329 -20.24 3.00 4.59
C TRP B 329 -19.57 2.77 3.25
N ASN B 330 -18.26 2.99 3.21
CA ASN B 330 -17.55 2.86 1.95
C ASN B 330 -17.60 1.42 1.45
N TYR B 331 -17.35 0.48 2.36
CA TYR B 331 -17.31 -0.93 2.01
C TYR B 331 -18.61 -1.36 1.37
N GLY B 332 -19.73 -1.21 2.10
CA GLY B 332 -21.02 -1.55 1.55
C GLY B 332 -21.35 -0.83 0.26
N ALA B 333 -21.02 0.47 0.17
CA ALA B 333 -21.37 1.21 -1.04
C ALA B 333 -20.83 0.52 -2.28
N MET B 334 -19.63 -0.10 -2.18
CA MET B 334 -19.07 -0.78 -3.35
C MET B 334 -20.09 -1.70 -4.01
N PHE B 335 -20.85 -2.42 -3.21
CA PHE B 335 -21.71 -3.48 -3.74
C PHE B 335 -22.97 -2.97 -4.40
N THR B 336 -23.28 -1.69 -4.28
CA THR B 336 -24.28 -1.04 -5.13
C THR B 336 -23.63 -0.31 -6.29
N LEU B 337 -22.51 0.35 -6.02
CA LEU B 337 -21.98 1.28 -7.01
C LEU B 337 -21.31 0.52 -8.14
N PHE B 338 -20.54 -0.52 -7.82
CA PHE B 338 -19.98 -1.35 -8.88
C PHE B 338 -21.05 -1.95 -9.78
N PRO B 339 -22.10 -2.61 -9.27
CA PRO B 339 -23.15 -3.05 -10.21
C PRO B 339 -23.83 -1.89 -10.92
N ALA B 340 -24.05 -0.79 -10.21
CA ALA B 340 -24.61 0.39 -10.87
C ALA B 340 -23.66 0.94 -11.94
N THR B 341 -22.37 1.04 -11.61
CA THR B 341 -21.40 1.50 -12.60
C THR B 341 -21.36 0.56 -13.80
N CYS B 342 -21.32 -0.73 -13.55
CA CYS B 342 -21.29 -1.72 -14.61
C CYS B 342 -22.53 -1.57 -15.49
N LEU B 343 -23.67 -1.34 -14.85
CA LEU B 343 -24.92 -1.13 -15.55
C LEU B 343 -24.86 0.11 -16.42
N GLN B 344 -24.23 1.17 -15.89
CA GLN B 344 -24.00 2.37 -16.68
C GLN B 344 -23.12 2.07 -17.88
N PHE B 345 -22.02 1.36 -17.66
CA PHE B 345 -21.02 1.19 -18.71
C PHE B 345 -21.54 0.33 -19.85
N TYR B 346 -22.11 -0.83 -19.55
CA TYR B 346 -22.41 -1.79 -20.61
C TYR B 346 -23.89 -2.06 -20.84
N GLY B 347 -24.79 -1.52 -20.03
CA GLY B 347 -26.21 -1.75 -20.24
C GLY B 347 -26.76 -2.95 -19.48
N PRO B 348 -28.08 -3.11 -19.49
CA PRO B 348 -28.71 -4.10 -18.61
C PRO B 348 -28.98 -5.50 -19.17
N THR B 349 -29.00 -5.68 -20.50
CA THR B 349 -29.40 -6.99 -21.02
C THR B 349 -28.44 -8.10 -20.60
N ALA B 350 -27.12 -7.85 -20.65
CA ALA B 350 -26.12 -8.84 -20.27
C ALA B 350 -25.61 -8.67 -18.85
N GLN B 351 -26.35 -7.94 -18.01
CA GLN B 351 -25.85 -7.57 -16.70
C GLN B 351 -25.66 -8.77 -15.80
N GLY B 352 -26.50 -9.80 -15.96
CA GLY B 352 -26.29 -11.02 -15.20
C GLY B 352 -24.89 -11.52 -15.42
N SER B 353 -24.54 -11.73 -16.69
CA SER B 353 -23.22 -12.22 -17.03
C SER B 353 -22.13 -11.22 -16.66
N ASN B 354 -22.32 -9.95 -17.05
CA ASN B 354 -21.30 -8.94 -16.82
C ASN B 354 -20.97 -8.80 -15.34
N TYR B 355 -21.99 -8.58 -14.52
CA TYR B 355 -21.73 -8.42 -13.10
C TYR B 355 -21.34 -9.73 -12.43
N GLY B 356 -21.82 -10.89 -12.87
CA GLY B 356 -21.34 -12.12 -12.29
C GLY B 356 -19.84 -12.30 -12.49
N LEU B 357 -19.40 -12.11 -13.73
CA LEU B 357 -17.98 -12.09 -14.01
C LEU B 357 -17.28 -11.08 -13.12
N LEU B 358 -17.85 -9.86 -13.03
CA LEU B 358 -17.21 -8.83 -12.23
C LEU B 358 -17.12 -9.23 -10.75
N PHE B 359 -18.16 -9.84 -10.21
CA PHE B 359 -18.24 -10.15 -8.80
C PHE B 359 -17.28 -11.27 -8.39
N THR B 360 -16.85 -12.11 -9.34
CA THR B 360 -15.85 -13.11 -8.96
C THR B 360 -14.59 -12.50 -8.31
N ALA B 361 -14.21 -11.27 -8.69
CA ALA B 361 -13.11 -10.63 -7.97
C ALA B 361 -13.41 -10.61 -6.50
N CYS B 362 -14.66 -10.25 -6.19
CA CYS B 362 -15.13 -10.15 -4.83
C CYS B 362 -15.06 -11.53 -4.17
N GLY B 363 -15.32 -12.57 -4.94
CA GLY B 363 -15.15 -13.91 -4.41
C GLY B 363 -13.72 -14.21 -4.01
N LEU B 364 -12.76 -13.85 -4.87
CA LEU B 364 -11.35 -14.08 -4.57
C LEU B 364 -10.94 -13.31 -3.34
N ALA B 365 -11.32 -12.03 -3.29
CA ALA B 365 -11.03 -11.24 -2.10
C ALA B 365 -11.66 -11.88 -0.86
N GLY B 366 -12.90 -12.34 -0.97
CA GLY B 366 -13.56 -12.94 0.17
C GLY B 366 -12.84 -14.18 0.67
N PHE B 367 -12.24 -14.92 -0.25
CA PHE B 367 -11.48 -16.11 0.17
C PHE B 367 -10.21 -15.70 0.91
N ALA B 368 -9.43 -14.78 0.34
CA ALA B 368 -8.07 -14.58 0.84
C ALA B 368 -7.88 -13.43 1.83
N GLY B 369 -8.61 -12.33 1.69
CA GLY B 369 -8.38 -11.10 2.44
C GLY B 369 -8.29 -11.20 3.95
N PRO B 370 -9.27 -11.86 4.57
CA PRO B 370 -9.23 -12.01 6.04
C PRO B 370 -8.00 -12.75 6.52
N TRP B 371 -7.67 -13.86 5.87
CA TRP B 371 -6.44 -14.58 6.22
C TRP B 371 -5.21 -13.71 6.03
N VAL B 372 -5.12 -13.02 4.89
CA VAL B 372 -3.96 -12.18 4.61
C VAL B 372 -3.78 -11.12 5.69
N GLY B 373 -4.88 -10.47 6.09
CA GLY B 373 -4.78 -9.49 7.16
C GLY B 373 -4.29 -10.11 8.45
N GLY B 374 -4.87 -11.26 8.83
CA GLY B 374 -4.42 -11.95 10.03
C GLY B 374 -2.94 -12.29 9.97
N TRP B 375 -2.47 -12.75 8.80
CA TRP B 375 -1.08 -13.15 8.63
C TRP B 375 -0.15 -11.96 8.76
N LEU B 376 -0.46 -10.85 8.08
CA LEU B 376 0.39 -9.66 8.17
C LEU B 376 0.49 -9.17 9.61
N LYS B 377 -0.64 -9.11 10.33
CA LYS B 377 -0.60 -8.73 11.75
C LYS B 377 0.30 -9.67 12.56
N ASP B 378 0.04 -10.98 12.49
CA ASP B 378 0.82 -11.93 13.29
C ASP B 378 2.30 -11.83 12.94
N THR B 379 2.60 -11.71 11.65
CA THR B 379 3.97 -11.55 11.18
C THR B 379 4.64 -10.33 11.81
N THR B 380 4.02 -9.18 11.72
CA THR B 380 4.73 -8.02 12.25
C THR B 380 4.47 -7.86 13.73
N GLY B 381 3.50 -8.58 14.27
CA GLY B 381 3.07 -8.30 15.62
C GLY B 381 2.34 -6.98 15.74
N THR B 382 2.08 -6.32 14.62
CA THR B 382 1.49 -4.99 14.65
C THR B 382 0.42 -4.89 13.59
N TYR B 383 -0.45 -3.90 13.79
CA TYR B 383 -1.54 -3.61 12.86
C TYR B 383 -1.07 -2.77 11.68
N TYR B 384 0.14 -2.20 11.77
CA TYR B 384 0.61 -1.30 10.73
C TYR B 384 0.57 -1.96 9.36
N LEU B 385 1.12 -3.16 9.26
CA LEU B 385 1.20 -3.78 7.93
C LEU B 385 -0.17 -3.97 7.31
N PRO B 386 -1.13 -4.65 7.95
CA PRO B 386 -2.40 -4.89 7.26
C PRO B 386 -3.18 -3.63 6.95
N PHE B 387 -3.24 -2.67 7.88
CA PHE B 387 -3.96 -1.44 7.57
C PHE B 387 -3.27 -0.66 6.46
N LEU B 388 -1.93 -0.65 6.44
CA LEU B 388 -1.21 0.04 5.37
C LEU B 388 -1.43 -0.65 4.03
N CYS B 389 -1.37 -1.96 4.03
CA CYS B 389 -1.64 -2.68 2.78
C CYS B 389 -3.07 -2.40 2.33
N ALA B 390 -4.01 -2.33 3.28
CA ALA B 390 -5.41 -2.03 2.95
C ALA B 390 -5.55 -0.66 2.33
N ALA B 391 -4.91 0.33 2.94
CA ALA B 391 -4.98 1.69 2.46
C ALA B 391 -4.35 1.80 1.07
N ALA B 392 -3.24 1.12 0.85
CA ALA B 392 -2.63 1.19 -0.47
C ALA B 392 -3.63 0.69 -1.50
N LEU B 393 -4.30 -0.42 -1.17
CA LEU B 393 -5.32 -0.93 -2.08
C LEU B 393 -6.41 0.11 -2.32
N CYS B 394 -6.86 0.77 -1.26
CA CYS B 394 -7.96 1.70 -1.47
C CYS B 394 -7.53 2.89 -2.31
N ALA B 395 -6.28 3.32 -2.18
CA ALA B 395 -5.78 4.43 -2.99
C ALA B 395 -5.78 4.05 -4.46
N LEU B 396 -5.20 2.88 -4.78
CA LEU B 396 -5.21 2.40 -6.15
C LEU B 396 -6.63 2.37 -6.71
N GLY B 397 -7.56 1.88 -5.90
CA GLY B 397 -8.94 1.84 -6.35
C GLY B 397 -9.54 3.21 -6.56
N THR B 398 -9.25 4.15 -5.66
CA THR B 398 -9.73 5.51 -5.85
C THR B 398 -9.29 6.04 -7.21
N ALA B 399 -8.02 5.82 -7.52
CA ALA B 399 -7.50 6.31 -8.80
C ALA B 399 -8.26 5.69 -9.95
N ILE B 400 -8.40 4.36 -9.93
CA ILE B 400 -9.10 3.69 -11.03
C ILE B 400 -10.51 4.23 -11.16
N VAL B 401 -11.24 4.25 -10.04
CA VAL B 401 -12.65 4.63 -10.08
C VAL B 401 -12.80 6.04 -10.56
N PHE B 402 -11.91 6.93 -10.11
CA PHE B 402 -12.03 8.31 -10.52
C PHE B 402 -11.72 8.47 -12.00
N MET B 403 -10.65 7.85 -12.46
CA MET B 403 -10.28 8.07 -13.84
C MET B 403 -11.04 7.22 -14.86
N THR B 404 -11.75 6.17 -14.45
CA THR B 404 -12.41 5.31 -15.44
C THR B 404 -13.78 5.91 -15.71
N LYS B 405 -13.90 6.56 -16.85
CA LYS B 405 -15.04 7.22 -17.47
C LYS B 405 -15.69 6.26 -18.46
N PRO B 406 -16.99 6.41 -18.71
CA PRO B 406 -17.71 5.36 -19.42
C PRO B 406 -17.14 5.12 -20.80
N PRO B 407 -17.29 3.89 -21.35
CA PRO B 407 -16.90 3.55 -22.71
C PRO B 407 -17.85 4.11 -23.77
#